data_1F40
#
_entry.id   1F40
#
_cell.length_a   1.000
_cell.length_b   1.000
_cell.length_c   1.000
_cell.angle_alpha   90.00
_cell.angle_beta   90.00
_cell.angle_gamma   90.00
#
_symmetry.space_group_name_H-M   'P 1'
#
loop_
_entity.id
_entity.type
_entity.pdbx_description
1 polymer 'FK506 BINDING PROTEIN (FKBP12)'
2 non-polymer (2S)-[3-PYRIDYL-1-PROPYL]-1-[3,3-DIMETHYL-1,2-DIOXOPENTYL]-2-PYRROLIDINECARBOXYLATE
#
_entity_poly.entity_id   1
_entity_poly.type   'polypeptide(L)'
_entity_poly.pdbx_seq_one_letter_code
;GVQVETISPGDGRTFPKRGQTCVVHYTGMLEDGKKFDSSRDRNKPFKFMLGKQEVIRGWEEGVAQMSVGQRAKLTISPDY
AYGATGHPGIIPPHATLVFDVELLKLE
;
_entity_poly.pdbx_strand_id   A
#
loop_
_chem_comp.id
_chem_comp.type
_chem_comp.name
_chem_comp.formula
GPI non-polymer (2S)-[3-PYRIDYL-1-PROPYL]-1-[3,3-DIMETHYL-1,2-DIOXOPENTYL]-2-PYRROLIDINECARBOXYLATE 'C20 H28 N2 O4'
#
# COMPACT_ATOMS: atom_id res chain seq x y z
N GLY A 1 -3.60 -12.72 3.40
CA GLY A 1 -4.41 -11.77 2.65
C GLY A 1 -3.90 -10.39 3.04
N VAL A 2 -4.74 -9.36 2.83
CA VAL A 2 -4.48 -7.98 3.22
C VAL A 2 -5.74 -7.63 4.02
N GLN A 3 -5.56 -6.88 5.06
CA GLN A 3 -6.62 -6.42 5.93
C GLN A 3 -6.57 -4.89 5.75
N VAL A 4 -7.68 -4.23 5.49
CA VAL A 4 -7.74 -2.80 5.21
C VAL A 4 -8.42 -2.21 6.47
N GLU A 5 -7.77 -1.35 7.23
CA GLU A 5 -8.40 -0.74 8.38
C GLU A 5 -8.36 0.75 8.11
N THR A 6 -9.47 1.46 8.13
CA THR A 6 -9.50 2.90 7.82
C THR A 6 -8.96 3.83 8.93
N ILE A 7 -8.22 4.86 8.54
CA ILE A 7 -7.75 5.96 9.39
C ILE A 7 -8.69 7.16 9.09
N SER A 8 -8.90 7.55 7.83
CA SER A 8 -9.81 8.63 7.49
C SER A 8 -10.57 8.17 6.23
N PRO A 9 -11.87 8.44 6.17
CA PRO A 9 -12.73 7.99 5.07
C PRO A 9 -12.40 8.69 3.77
N GLY A 10 -12.73 8.02 2.67
CA GLY A 10 -12.58 8.54 1.32
C GLY A 10 -13.94 9.05 0.82
N ASP A 11 -14.21 9.24 -0.46
CA ASP A 11 -15.51 9.78 -0.85
C ASP A 11 -16.63 8.72 -0.91
N GLY A 12 -16.21 7.45 -0.79
CA GLY A 12 -17.17 6.33 -0.88
C GLY A 12 -17.68 6.08 -2.27
N ARG A 13 -17.16 6.67 -3.34
CA ARG A 13 -17.71 6.42 -4.68
C ARG A 13 -16.64 6.23 -5.77
N THR A 14 -15.43 6.80 -5.64
CA THR A 14 -14.39 6.73 -6.69
C THR A 14 -13.31 5.74 -6.27
N PHE A 15 -13.49 4.49 -6.75
CA PHE A 15 -12.55 3.40 -6.45
C PHE A 15 -11.68 3.11 -7.68
N PRO A 16 -10.40 2.80 -7.52
CA PRO A 16 -9.48 2.63 -8.65
C PRO A 16 -9.84 1.41 -9.46
N LYS A 17 -9.60 1.52 -10.75
CA LYS A 17 -9.91 0.49 -11.71
C LYS A 17 -8.62 0.12 -12.40
N ARG A 18 -8.56 -1.09 -12.95
CA ARG A 18 -7.43 -1.55 -13.72
C ARG A 18 -7.06 -0.57 -14.87
N GLY A 19 -5.79 -0.24 -14.95
CA GLY A 19 -5.35 0.68 -15.94
C GLY A 19 -5.27 2.10 -15.43
N GLN A 20 -5.83 2.42 -14.29
CA GLN A 20 -5.66 3.75 -13.72
C GLN A 20 -4.43 3.86 -12.88
N THR A 21 -3.88 5.08 -12.87
CA THR A 21 -2.74 5.39 -12.02
C THR A 21 -3.18 5.91 -10.64
N CYS A 22 -2.78 5.20 -9.59
CA CYS A 22 -3.05 5.60 -8.22
C CYS A 22 -1.89 6.41 -7.67
N VAL A 23 -2.20 7.54 -7.08
CA VAL A 23 -1.21 8.51 -6.61
C VAL A 23 -1.39 8.41 -5.11
N VAL A 24 -0.40 7.88 -4.39
CA VAL A 24 -0.60 7.62 -2.98
C VAL A 24 0.52 8.19 -2.12
N HIS A 25 0.22 8.49 -0.87
CA HIS A 25 1.32 8.70 0.04
C HIS A 25 1.39 7.45 0.90
N TYR A 26 2.59 6.98 1.31
CA TYR A 26 2.64 5.79 2.15
C TYR A 26 3.79 5.86 3.17
N THR A 27 3.64 5.11 4.26
CA THR A 27 4.73 4.83 5.21
C THR A 27 4.61 3.34 5.43
N GLY A 28 5.64 2.58 5.15
CA GLY A 28 5.67 1.13 5.34
C GLY A 28 6.43 0.81 6.62
N MET A 29 5.84 -0.05 7.44
CA MET A 29 6.36 -0.50 8.72
C MET A 29 6.26 -2.03 8.83
N LEU A 30 7.19 -2.53 9.62
CA LEU A 30 7.27 -3.90 10.05
C LEU A 30 6.28 -4.05 11.20
N GLU A 31 5.87 -5.25 11.66
CA GLU A 31 4.93 -5.37 12.76
C GLU A 31 5.31 -4.75 14.09
N ASP A 32 6.59 -4.51 14.30
CA ASP A 32 7.02 -3.87 15.54
C ASP A 32 7.02 -2.34 15.48
N GLY A 33 6.52 -1.72 14.37
CA GLY A 33 6.46 -0.27 14.23
C GLY A 33 7.65 0.32 13.48
N LYS A 34 8.69 -0.43 13.24
CA LYS A 34 9.86 0.09 12.57
C LYS A 34 9.51 0.45 11.11
N LYS A 35 9.78 1.71 10.77
CA LYS A 35 9.55 2.24 9.45
C LYS A 35 10.66 1.76 8.57
N PHE A 36 10.34 1.23 7.41
CA PHE A 36 11.39 0.87 6.46
C PHE A 36 11.41 1.84 5.29
N ASP A 37 10.33 2.58 5.06
CA ASP A 37 10.29 3.59 3.97
C ASP A 37 9.03 4.41 4.05
N SER A 38 9.04 5.64 3.51
CA SER A 38 7.89 6.56 3.49
C SER A 38 8.05 7.60 2.39
N SER A 39 7.04 7.76 1.53
CA SER A 39 7.11 8.82 0.53
C SER A 39 6.83 10.17 1.20
N ARG A 40 6.18 10.11 2.38
CA ARG A 40 5.87 11.31 3.12
C ARG A 40 7.22 11.95 3.53
N ASP A 41 8.26 11.18 3.85
CA ASP A 41 9.57 11.75 4.15
C ASP A 41 10.20 12.37 2.90
N ARG A 42 9.88 11.87 1.70
CA ARG A 42 10.41 12.49 0.49
C ARG A 42 9.49 13.61 -0.03
N ASN A 43 8.28 13.73 0.55
CA ASN A 43 7.30 14.72 0.18
C ASN A 43 6.96 14.64 -1.32
N LYS A 44 6.95 13.46 -1.90
CA LYS A 44 6.60 13.30 -3.30
C LYS A 44 5.75 12.02 -3.32
N PRO A 45 4.48 12.05 -3.76
CA PRO A 45 3.59 10.89 -3.81
C PRO A 45 4.18 9.80 -4.69
N PHE A 46 3.83 8.55 -4.39
CA PHE A 46 4.32 7.46 -5.19
C PHE A 46 3.23 7.15 -6.22
N LYS A 47 3.55 6.88 -7.47
CA LYS A 47 2.51 6.54 -8.44
C LYS A 47 2.64 5.07 -8.88
N PHE A 48 1.55 4.31 -8.99
CA PHE A 48 1.62 3.01 -9.63
C PHE A 48 0.35 2.81 -10.42
N MET A 49 0.34 2.06 -11.53
CA MET A 49 -0.88 1.69 -12.26
C MET A 49 -1.41 0.37 -11.76
N LEU A 50 -2.68 0.40 -11.39
CA LEU A 50 -3.41 -0.76 -10.96
C LEU A 50 -3.51 -1.78 -12.08
N GLY A 51 -3.16 -3.03 -11.75
CA GLY A 51 -3.26 -4.16 -12.65
C GLY A 51 -2.04 -4.38 -13.51
N LYS A 52 -1.04 -3.50 -13.43
CA LYS A 52 0.14 -3.68 -14.23
C LYS A 52 1.19 -4.62 -13.65
N GLN A 53 0.97 -5.16 -12.45
CA GLN A 53 1.88 -6.09 -11.80
C GLN A 53 3.24 -5.49 -11.44
N GLU A 54 3.23 -4.23 -10.99
CA GLU A 54 4.48 -3.62 -10.61
C GLU A 54 4.61 -3.30 -9.13
N VAL A 55 3.59 -3.57 -8.34
CA VAL A 55 3.64 -3.47 -6.89
C VAL A 55 3.29 -4.85 -6.30
N ILE A 56 3.42 -5.03 -4.99
CA ILE A 56 3.15 -6.30 -4.37
C ILE A 56 1.64 -6.57 -4.38
N ARG A 57 1.30 -7.88 -4.39
CA ARG A 57 -0.10 -8.31 -4.48
C ARG A 57 -0.99 -7.75 -3.38
N GLY A 58 -0.59 -7.56 -2.14
CA GLY A 58 -1.45 -6.99 -1.12
C GLY A 58 -1.78 -5.51 -1.41
N TRP A 59 -0.94 -4.80 -2.20
CA TRP A 59 -1.24 -3.42 -2.64
C TRP A 59 -2.30 -3.41 -3.75
N GLU A 60 -2.12 -4.15 -4.87
CA GLU A 60 -3.13 -4.30 -5.93
C GLU A 60 -4.52 -4.60 -5.34
N GLU A 61 -4.52 -5.51 -4.37
CA GLU A 61 -5.76 -5.90 -3.69
C GLU A 61 -6.24 -4.91 -2.66
N GLY A 62 -5.35 -4.25 -1.94
CA GLY A 62 -5.79 -3.39 -0.89
C GLY A 62 -6.18 -2.00 -1.32
N VAL A 63 -5.34 -1.40 -2.16
CA VAL A 63 -5.65 -0.08 -2.61
C VAL A 63 -6.90 -0.12 -3.52
N ALA A 64 -7.22 -1.22 -4.21
CA ALA A 64 -8.44 -1.30 -5.00
C ALA A 64 -9.70 -1.19 -4.14
N GLN A 65 -9.55 -1.45 -2.84
CA GLN A 65 -10.65 -1.31 -1.90
C GLN A 65 -10.80 0.10 -1.40
N MET A 66 -10.00 1.07 -1.82
CA MET A 66 -10.02 2.39 -1.22
C MET A 66 -10.65 3.36 -2.19
N SER A 67 -11.41 4.32 -1.66
CA SER A 67 -11.98 5.41 -2.43
C SER A 67 -11.08 6.64 -2.36
N VAL A 68 -11.11 7.53 -3.33
CA VAL A 68 -10.27 8.71 -3.31
C VAL A 68 -10.53 9.51 -2.05
N GLY A 69 -9.42 9.84 -1.39
CA GLY A 69 -9.40 10.61 -0.17
C GLY A 69 -9.13 9.75 1.07
N GLN A 70 -9.22 8.42 0.93
CA GLN A 70 -9.16 7.58 2.08
C GLN A 70 -7.75 7.27 2.50
N ARG A 71 -7.60 7.18 3.82
CA ARG A 71 -6.32 6.87 4.46
C ARG A 71 -6.66 5.65 5.29
N ALA A 72 -5.88 4.61 5.02
CA ALA A 72 -6.04 3.31 5.64
C ALA A 72 -4.73 2.58 5.95
N LYS A 73 -4.79 1.67 6.90
CA LYS A 73 -3.69 0.80 7.25
C LYS A 73 -3.91 -0.57 6.63
N LEU A 74 -2.98 -1.04 5.82
CA LEU A 74 -3.11 -2.29 5.11
C LEU A 74 -2.18 -3.28 5.80
N THR A 75 -2.66 -4.34 6.43
CA THR A 75 -1.76 -5.35 7.03
C THR A 75 -1.68 -6.51 6.01
N ILE A 76 -0.49 -6.82 5.52
CA ILE A 76 -0.30 -7.70 4.38
C ILE A 76 0.54 -8.90 4.83
N SER A 77 -0.01 -10.11 4.64
CA SER A 77 0.70 -11.34 4.96
C SER A 77 1.91 -11.52 4.05
N PRO A 78 2.97 -12.24 4.43
CA PRO A 78 4.16 -12.40 3.61
C PRO A 78 3.89 -12.95 2.23
N ASP A 79 2.92 -13.87 2.09
CA ASP A 79 2.64 -14.44 0.80
C ASP A 79 2.01 -13.47 -0.19
N TYR A 80 1.54 -12.32 0.34
CA TYR A 80 0.98 -11.21 -0.40
C TYR A 80 1.95 -10.05 -0.49
N ALA A 81 3.18 -10.30 -0.12
CA ALA A 81 4.21 -9.27 -0.10
C ALA A 81 5.45 -9.92 -0.67
N TYR A 82 6.58 -10.09 0.07
CA TYR A 82 7.86 -10.58 -0.44
C TYR A 82 8.20 -12.06 -0.11
N GLY A 83 7.23 -12.75 0.54
CA GLY A 83 7.28 -14.17 0.80
C GLY A 83 8.51 -14.53 1.59
N ALA A 84 9.10 -15.62 1.12
CA ALA A 84 10.28 -16.16 1.76
C ALA A 84 11.53 -15.43 1.29
N THR A 85 11.53 -14.71 0.16
CA THR A 85 12.72 -13.95 -0.19
C THR A 85 12.92 -12.72 0.69
N GLY A 86 11.84 -11.99 0.95
CA GLY A 86 11.99 -10.70 1.61
C GLY A 86 12.59 -9.72 0.59
N HIS A 87 13.04 -8.55 0.97
CA HIS A 87 13.62 -7.64 0.00
C HIS A 87 15.03 -7.45 0.48
N PRO A 88 16.10 -7.89 -0.23
CA PRO A 88 17.48 -8.01 0.27
C PRO A 88 17.89 -6.73 1.01
N GLY A 89 18.25 -6.99 2.28
CA GLY A 89 18.65 -5.93 3.20
C GLY A 89 17.51 -5.14 3.89
N ILE A 90 16.29 -5.00 3.32
CA ILE A 90 15.25 -4.18 3.93
C ILE A 90 14.16 -4.96 4.63
N ILE A 91 13.59 -5.97 3.97
CA ILE A 91 12.47 -6.71 4.56
C ILE A 91 13.06 -8.09 4.81
N PRO A 92 12.91 -8.73 5.98
CA PRO A 92 13.30 -10.13 6.24
C PRO A 92 12.46 -11.12 5.47
N PRO A 93 12.88 -12.39 5.31
CA PRO A 93 11.98 -13.48 4.92
C PRO A 93 10.79 -13.57 5.88
N HIS A 94 9.65 -13.91 5.27
CA HIS A 94 8.40 -14.22 5.97
C HIS A 94 7.84 -13.06 6.76
N ALA A 95 8.12 -11.80 6.39
CA ALA A 95 7.63 -10.64 7.14
C ALA A 95 6.17 -10.18 6.86
N THR A 96 5.32 -9.91 7.86
CA THR A 96 4.04 -9.25 7.66
C THR A 96 4.33 -7.73 7.56
N LEU A 97 3.78 -7.05 6.56
CA LEU A 97 4.06 -5.65 6.36
C LEU A 97 2.84 -4.80 6.72
N VAL A 98 3.05 -3.61 7.24
CA VAL A 98 1.98 -2.76 7.64
C VAL A 98 2.19 -1.50 6.85
N PHE A 99 1.25 -1.09 6.00
CA PHE A 99 1.42 0.14 5.25
C PHE A 99 0.32 1.15 5.66
N ASP A 100 0.69 2.40 5.85
CA ASP A 100 -0.22 3.50 6.11
C ASP A 100 -0.22 4.14 4.74
N VAL A 101 -1.37 4.06 4.10
CA VAL A 101 -1.55 4.47 2.71
C VAL A 101 -2.71 5.46 2.57
N GLU A 102 -2.49 6.55 1.85
CA GLU A 102 -3.51 7.54 1.63
C GLU A 102 -3.70 7.61 0.15
N LEU A 103 -4.90 7.36 -0.35
CA LEU A 103 -5.13 7.43 -1.79
C LEU A 103 -5.52 8.88 -2.13
N LEU A 104 -4.60 9.55 -2.79
CA LEU A 104 -4.71 10.99 -3.05
C LEU A 104 -5.51 11.37 -4.29
N LYS A 105 -5.23 10.61 -5.36
CA LYS A 105 -5.70 11.01 -6.67
C LYS A 105 -5.66 9.81 -7.61
N LEU A 106 -6.50 9.79 -8.66
CA LEU A 106 -6.42 8.80 -9.72
C LEU A 106 -6.18 9.58 -10.98
N GLU A 107 -5.22 9.10 -11.73
CA GLU A 107 -4.84 9.71 -12.99
C GLU A 107 -4.91 8.68 -14.12
C2 GPI B . 6.12 -0.84 -3.32
N6 GPI B . 7.49 -0.51 -2.73
C5 GPI B . 7.35 0.91 -2.16
C3 GPI B . 5.52 0.48 -3.75
C4 GPI B . 6.09 1.52 -2.78
C1 GPI B . 6.29 -1.74 -4.55
O1 GPI B . 6.23 -1.24 -5.69
O2 GPI B . 6.47 -3.09 -4.40
C14 GPI B . 7.43 -3.57 -5.35
C15 GPI B . 7.99 -4.92 -4.87
C16 GPI B . 7.75 -5.98 -5.95
N19 GPI B . 11.30 -6.27 -7.43
C20 GPI B . 11.07 -5.95 -8.79
C21 GPI B . 9.77 -5.64 -9.23
C22 GPI B . 8.70 -5.65 -8.31
C17 GPI B . 8.92 -5.97 -6.95
C18 GPI B . 10.23 -6.28 -6.51
C7 GPI B . 8.56 -1.27 -2.72
O7 GPI B . 8.54 -2.39 -3.22
C8 GPI B . 9.86 -0.75 -2.07
O8 GPI B . 9.89 -0.50 -0.87
C9 GPI B . 11.14 -0.55 -2.91
C12 GPI B . 11.87 0.70 -2.45
C13 GPI B . 10.75 -0.39 -4.40
C10 GPI B . 12.06 -1.78 -2.76
C11 GPI B . 12.42 -1.95 -1.27
H2 GPI B . 5.58 -1.34 -2.50
H51 GPI B . 7.30 0.90 -1.05
H52 GPI B . 8.23 1.51 -2.43
H31 GPI B . 4.42 0.46 -3.68
H32 GPI B . 5.77 0.72 -4.80
H41 GPI B . 5.34 1.71 -1.99
H42 GPI B . 6.30 2.49 -3.27
H141 GPI B . 8.25 -2.85 -5.44
H142 GPI B . 6.95 -3.69 -6.32
H151 GPI B . 7.48 -5.21 -3.95
H152 GPI B . 9.06 -4.82 -4.69
H161 GPI B . 6.82 -5.76 -6.49
H162 GPI B . 7.68 -6.96 -5.49
H20 GPI B . 11.90 -5.94 -9.49
H21 GPI B . 9.60 -5.40 -10.27
H22 GPI B . 7.71 -5.42 -8.64
H18 GPI B . 10.41 -6.52 -5.48
H121 GPI B . 11.19 1.36 -1.94
H122 GPI B . 12.65 0.42 -1.77
H123 GPI B . 12.29 1.22 -3.28
H131 GPI B . 10.34 -1.32 -4.78
H132 GPI B . 10.01 0.40 -4.50
H133 GPI B . 11.64 -0.13 -4.99
H101 GPI B . 12.96 -1.62 -3.34
H102 GPI B . 11.54 -2.67 -3.12
H111 GPI B . 12.03 -2.88 -0.92
H112 GPI B . 13.49 -1.97 -1.18
H113 GPI B . 12.01 -1.14 -0.70
N GLY A 1 -3.60 -12.72 3.40
CA GLY A 1 -4.41 -11.77 2.65
C GLY A 1 -3.90 -10.39 3.04
N VAL A 2 -4.74 -9.36 2.83
CA VAL A 2 -4.48 -7.98 3.22
C VAL A 2 -5.74 -7.63 4.02
N GLN A 3 -5.56 -6.88 5.06
CA GLN A 3 -6.62 -6.42 5.93
C GLN A 3 -6.57 -4.89 5.75
N VAL A 4 -7.68 -4.23 5.49
CA VAL A 4 -7.74 -2.80 5.21
C VAL A 4 -8.42 -2.21 6.47
N GLU A 5 -7.77 -1.35 7.23
CA GLU A 5 -8.40 -0.74 8.38
C GLU A 5 -8.36 0.75 8.11
N THR A 6 -9.47 1.46 8.13
CA THR A 6 -9.50 2.90 7.82
C THR A 6 -8.96 3.83 8.93
N ILE A 7 -8.22 4.86 8.54
CA ILE A 7 -7.75 5.96 9.39
C ILE A 7 -8.69 7.16 9.09
N SER A 8 -8.90 7.55 7.83
CA SER A 8 -9.82 8.62 7.48
C SER A 8 -10.57 8.17 6.23
N PRO A 9 -11.87 8.44 6.17
CA PRO A 9 -12.73 7.99 5.07
C PRO A 9 -12.39 8.69 3.76
N GLY A 10 -12.73 8.02 2.67
CA GLY A 10 -12.58 8.54 1.32
C GLY A 10 -13.94 9.05 0.82
N ASP A 11 -14.21 9.24 -0.46
CA ASP A 11 -15.51 9.78 -0.85
C ASP A 11 -16.63 8.72 -0.91
N GLY A 12 -16.21 7.45 -0.79
CA GLY A 12 -17.17 6.33 -0.88
C GLY A 12 -17.68 6.08 -2.27
N ARG A 13 -17.16 6.67 -3.34
CA ARG A 13 -17.71 6.42 -4.68
C ARG A 13 -16.64 6.23 -5.77
N THR A 14 -15.43 6.80 -5.64
CA THR A 14 -14.39 6.73 -6.69
C THR A 14 -13.31 5.74 -6.27
N PHE A 15 -13.49 4.49 -6.75
CA PHE A 15 -12.55 3.40 -6.45
C PHE A 15 -11.68 3.11 -7.68
N PRO A 16 -10.40 2.80 -7.52
CA PRO A 16 -9.48 2.63 -8.65
C PRO A 16 -9.84 1.41 -9.46
N LYS A 17 -9.60 1.52 -10.75
CA LYS A 17 -9.91 0.49 -11.71
C LYS A 17 -8.62 0.12 -12.40
N ARG A 18 -8.55 -1.09 -12.94
CA ARG A 18 -7.43 -1.55 -13.72
C ARG A 18 -7.06 -0.57 -14.87
N GLY A 19 -5.79 -0.24 -14.95
CA GLY A 19 -5.35 0.68 -15.94
C GLY A 19 -5.27 2.10 -15.43
N GLN A 20 -5.83 2.42 -14.29
CA GLN A 20 -5.66 3.75 -13.72
C GLN A 20 -4.43 3.86 -12.88
N THR A 21 -3.88 5.08 -12.87
CA THR A 21 -2.74 5.39 -12.02
C THR A 21 -3.18 5.91 -10.64
N CYS A 22 -2.78 5.20 -9.59
CA CYS A 22 -3.05 5.60 -8.22
C CYS A 22 -1.89 6.41 -7.67
N VAL A 23 -2.20 7.54 -7.08
CA VAL A 23 -1.21 8.51 -6.61
C VAL A 23 -1.39 8.41 -5.11
N VAL A 24 -0.40 7.88 -4.39
CA VAL A 24 -0.60 7.62 -2.98
C VAL A 24 0.52 8.19 -2.12
N HIS A 25 0.22 8.49 -0.87
CA HIS A 25 1.33 8.70 0.04
C HIS A 25 1.39 7.45 0.90
N TYR A 26 2.59 6.98 1.31
CA TYR A 26 2.64 5.79 2.15
C TYR A 26 3.79 5.86 3.17
N THR A 27 3.64 5.11 4.26
CA THR A 27 4.73 4.83 5.21
C THR A 27 4.61 3.34 5.43
N GLY A 28 5.64 2.58 5.15
CA GLY A 28 5.67 1.13 5.34
C GLY A 28 6.43 0.81 6.62
N MET A 29 5.84 -0.05 7.44
CA MET A 29 6.36 -0.50 8.72
C MET A 29 6.26 -2.03 8.83
N LEU A 30 7.19 -2.53 9.62
CA LEU A 30 7.27 -3.90 10.05
C LEU A 30 6.28 -4.05 11.20
N GLU A 31 5.87 -5.25 11.66
CA GLU A 31 4.93 -5.37 12.76
C GLU A 31 5.31 -4.75 14.09
N ASP A 32 6.59 -4.51 14.30
CA ASP A 32 7.02 -3.87 15.53
C ASP A 32 7.02 -2.34 15.48
N GLY A 33 6.52 -1.72 14.37
CA GLY A 33 6.46 -0.27 14.23
C GLY A 33 7.65 0.33 13.48
N LYS A 34 8.69 -0.43 13.24
CA LYS A 34 9.86 0.09 12.57
C LYS A 34 9.51 0.45 11.11
N LYS A 35 9.78 1.71 10.77
CA LYS A 35 9.55 2.24 9.45
C LYS A 35 10.66 1.76 8.57
N PHE A 36 10.34 1.23 7.41
CA PHE A 36 11.39 0.87 6.46
C PHE A 36 11.41 1.84 5.29
N ASP A 37 10.33 2.59 5.05
CA ASP A 37 10.29 3.59 3.97
C ASP A 37 9.03 4.41 4.05
N SER A 38 9.04 5.64 3.51
CA SER A 38 7.89 6.56 3.49
C SER A 38 8.05 7.60 2.39
N SER A 39 7.04 7.76 1.53
CA SER A 39 7.10 8.81 0.53
C SER A 39 6.83 10.17 1.20
N ARG A 40 6.18 10.11 2.38
CA ARG A 40 5.87 11.31 3.12
C ARG A 40 7.22 11.95 3.53
N ASP A 41 8.26 11.18 3.85
CA ASP A 41 9.57 11.75 4.15
C ASP A 41 10.20 12.37 2.90
N ARG A 42 9.88 11.87 1.70
CA ARG A 42 10.40 12.50 0.49
C ARG A 42 9.49 13.61 -0.03
N ASN A 43 8.28 13.73 0.55
CA ASN A 43 7.30 14.72 0.18
C ASN A 43 6.96 14.64 -1.31
N LYS A 44 6.95 13.46 -1.90
CA LYS A 44 6.60 13.30 -3.30
C LYS A 44 5.75 12.02 -3.32
N PRO A 45 4.48 12.05 -3.76
CA PRO A 45 3.59 10.89 -3.81
C PRO A 45 4.18 9.81 -4.69
N PHE A 46 3.83 8.55 -4.39
CA PHE A 46 4.32 7.46 -5.19
C PHE A 46 3.23 7.15 -6.22
N LYS A 47 3.55 6.89 -7.46
CA LYS A 47 2.51 6.54 -8.44
C LYS A 47 2.64 5.07 -8.88
N PHE A 48 1.55 4.31 -8.99
CA PHE A 48 1.62 3.01 -9.63
C PHE A 48 0.35 2.81 -10.42
N MET A 49 0.34 2.06 -11.53
CA MET A 49 -0.88 1.69 -12.26
C MET A 49 -1.41 0.37 -11.76
N LEU A 50 -2.68 0.40 -11.39
CA LEU A 50 -3.41 -0.76 -10.96
C LEU A 50 -3.51 -1.78 -12.08
N GLY A 51 -3.16 -3.03 -11.75
CA GLY A 51 -3.26 -4.16 -12.65
C GLY A 51 -2.03 -4.38 -13.51
N LYS A 52 -1.04 -3.50 -13.43
CA LYS A 52 0.14 -3.68 -14.23
C LYS A 52 1.19 -4.62 -13.65
N GLN A 53 0.97 -5.16 -12.45
CA GLN A 53 1.88 -6.09 -11.80
C GLN A 53 3.24 -5.49 -11.44
N GLU A 54 3.23 -4.23 -10.99
CA GLU A 54 4.48 -3.62 -10.61
C GLU A 54 4.61 -3.30 -9.13
N VAL A 55 3.59 -3.57 -8.34
CA VAL A 55 3.64 -3.47 -6.89
C VAL A 55 3.29 -4.85 -6.30
N ILE A 56 3.42 -5.03 -4.99
CA ILE A 56 3.15 -6.30 -4.37
C ILE A 56 1.64 -6.57 -4.38
N ARG A 57 1.30 -7.88 -4.39
CA ARG A 57 -0.10 -8.31 -4.48
C ARG A 57 -0.99 -7.75 -3.38
N GLY A 58 -0.59 -7.56 -2.14
CA GLY A 58 -1.45 -6.99 -1.12
C GLY A 58 -1.78 -5.51 -1.41
N TRP A 59 -0.94 -4.80 -2.20
CA TRP A 59 -1.24 -3.42 -2.64
C TRP A 59 -2.30 -3.41 -3.76
N GLU A 60 -2.11 -4.15 -4.86
CA GLU A 60 -3.13 -4.30 -5.93
C GLU A 60 -4.52 -4.60 -5.34
N GLU A 61 -4.52 -5.51 -4.37
CA GLU A 61 -5.76 -5.90 -3.69
C GLU A 61 -6.24 -4.91 -2.66
N GLY A 62 -5.35 -4.25 -1.94
CA GLY A 62 -5.79 -3.39 -0.89
C GLY A 62 -6.18 -2.00 -1.32
N VAL A 63 -5.34 -1.40 -2.16
CA VAL A 63 -5.65 -0.08 -2.61
C VAL A 63 -6.90 -0.12 -3.52
N ALA A 64 -7.22 -1.22 -4.21
CA ALA A 64 -8.44 -1.30 -5.00
C ALA A 64 -9.70 -1.19 -4.14
N GLN A 65 -9.55 -1.45 -2.84
CA GLN A 65 -10.65 -1.31 -1.90
C GLN A 65 -10.80 0.10 -1.40
N MET A 66 -10.00 1.07 -1.82
CA MET A 66 -10.02 2.39 -1.22
C MET A 66 -10.65 3.36 -2.19
N SER A 67 -11.41 4.32 -1.66
CA SER A 67 -11.98 5.41 -2.43
C SER A 67 -11.08 6.64 -2.36
N VAL A 68 -11.11 7.53 -3.33
CA VAL A 68 -10.27 8.71 -3.31
C VAL A 68 -10.53 9.51 -2.05
N GLY A 69 -9.42 9.84 -1.39
CA GLY A 69 -9.40 10.61 -0.17
C GLY A 69 -9.13 9.75 1.07
N GLN A 70 -9.22 8.42 0.93
CA GLN A 70 -9.16 7.58 2.08
C GLN A 70 -7.75 7.28 2.50
N ARG A 71 -7.60 7.18 3.82
CA ARG A 71 -6.32 6.87 4.46
C ARG A 71 -6.66 5.65 5.29
N ALA A 72 -5.88 4.61 5.02
CA ALA A 72 -6.04 3.31 5.64
C ALA A 72 -4.73 2.58 5.95
N LYS A 73 -4.79 1.67 6.90
CA LYS A 73 -3.68 0.80 7.26
C LYS A 73 -3.91 -0.57 6.63
N LEU A 74 -2.99 -1.04 5.81
CA LEU A 74 -3.11 -2.29 5.11
C LEU A 74 -2.18 -3.28 5.80
N THR A 75 -2.66 -4.34 6.43
CA THR A 75 -1.76 -5.35 7.03
C THR A 75 -1.68 -6.51 6.01
N ILE A 76 -0.49 -6.82 5.52
CA ILE A 76 -0.30 -7.70 4.38
C ILE A 76 0.54 -8.90 4.83
N SER A 77 -0.01 -10.11 4.64
CA SER A 77 0.70 -11.34 4.96
C SER A 77 1.91 -11.52 4.05
N PRO A 78 2.97 -12.24 4.43
CA PRO A 78 4.16 -12.40 3.61
C PRO A 78 3.89 -12.96 2.24
N ASP A 79 2.92 -13.87 2.09
CA ASP A 79 2.64 -14.44 0.80
C ASP A 79 2.01 -13.47 -0.19
N TYR A 80 1.54 -12.32 0.34
CA TYR A 80 0.98 -11.21 -0.40
C TYR A 80 1.95 -10.05 -0.49
N ALA A 81 3.18 -10.30 -0.12
CA ALA A 81 4.21 -9.27 -0.10
C ALA A 81 5.45 -9.92 -0.67
N TYR A 82 6.58 -10.09 0.07
CA TYR A 82 7.86 -10.58 -0.44
C TYR A 82 8.20 -12.06 -0.11
N GLY A 83 7.22 -12.76 0.55
CA GLY A 83 7.28 -14.17 0.80
C GLY A 83 8.52 -14.53 1.59
N ALA A 84 9.10 -15.62 1.12
CA ALA A 84 10.28 -16.16 1.76
C ALA A 84 11.53 -15.43 1.29
N THR A 85 11.53 -14.70 0.16
CA THR A 85 12.72 -13.95 -0.19
C THR A 85 12.92 -12.72 0.69
N GLY A 86 11.84 -11.99 0.95
CA GLY A 86 11.99 -10.70 1.61
C GLY A 86 12.59 -9.72 0.59
N HIS A 87 13.04 -8.55 0.97
CA HIS A 87 13.62 -7.64 0.00
C HIS A 87 15.03 -7.45 0.48
N PRO A 88 16.10 -7.89 -0.23
CA PRO A 88 17.48 -8.01 0.27
C PRO A 88 17.90 -6.74 1.01
N GLY A 89 18.26 -6.98 2.28
CA GLY A 89 18.65 -5.93 3.20
C GLY A 89 17.51 -5.14 3.89
N ILE A 90 16.29 -5.00 3.32
CA ILE A 90 15.25 -4.18 3.93
C ILE A 90 14.16 -4.96 4.63
N ILE A 91 13.59 -5.97 3.97
CA ILE A 91 12.47 -6.71 4.56
C ILE A 91 13.06 -8.09 4.81
N PRO A 92 12.91 -8.73 5.98
CA PRO A 92 13.30 -10.13 6.24
C PRO A 92 12.46 -11.12 5.47
N PRO A 93 12.87 -12.40 5.32
CA PRO A 93 11.98 -13.48 4.92
C PRO A 93 10.79 -13.57 5.88
N HIS A 94 9.65 -13.91 5.27
CA HIS A 94 8.40 -14.22 5.97
C HIS A 94 7.84 -13.06 6.76
N ALA A 95 8.12 -11.80 6.39
CA ALA A 95 7.62 -10.64 7.13
C ALA A 95 6.17 -10.18 6.86
N THR A 96 5.32 -9.91 7.86
CA THR A 96 4.04 -9.25 7.66
C THR A 96 4.33 -7.73 7.56
N LEU A 97 3.78 -7.05 6.56
CA LEU A 97 4.07 -5.65 6.37
C LEU A 97 2.84 -4.80 6.72
N VAL A 98 3.05 -3.61 7.24
CA VAL A 98 1.98 -2.76 7.64
C VAL A 98 2.19 -1.50 6.85
N PHE A 99 1.24 -1.08 6.00
CA PHE A 99 1.41 0.15 5.26
C PHE A 99 0.32 1.15 5.66
N ASP A 100 0.69 2.40 5.85
CA ASP A 100 -0.22 3.50 6.11
C ASP A 100 -0.22 4.15 4.74
N VAL A 101 -1.37 4.06 4.10
CA VAL A 101 -1.55 4.47 2.71
C VAL A 101 -2.71 5.46 2.57
N GLU A 102 -2.49 6.55 1.85
CA GLU A 102 -3.51 7.54 1.63
C GLU A 102 -3.69 7.61 0.14
N LEU A 103 -4.90 7.36 -0.35
CA LEU A 103 -5.13 7.43 -1.79
C LEU A 103 -5.52 8.88 -2.13
N LEU A 104 -4.60 9.55 -2.79
CA LEU A 104 -4.71 10.99 -3.05
C LEU A 104 -5.51 11.37 -4.29
N LYS A 105 -5.23 10.61 -5.36
CA LYS A 105 -5.70 11.01 -6.67
C LYS A 105 -5.66 9.81 -7.61
N LEU A 106 -6.50 9.79 -8.66
CA LEU A 106 -6.42 8.79 -9.72
C LEU A 106 -6.18 9.58 -10.98
N GLU A 107 -5.22 9.10 -11.73
CA GLU A 107 -4.84 9.71 -12.99
C GLU A 107 -4.91 8.68 -14.12
C2 GPI B . 6.41 -0.85 -3.73
N6 GPI B . 7.60 -0.22 -3.03
C5 GPI B . 6.99 0.59 -1.88
C3 GPI B . 5.29 0.17 -3.60
C4 GPI B . 5.53 0.86 -2.26
C1 GPI B . 6.72 -1.06 -5.23
O1 GPI B . 7.22 -0.16 -5.89
O2 GPI B . 6.45 -2.26 -5.80
C14 GPI B . 7.61 -3.08 -5.83
C15 GPI B . 8.47 -2.75 -7.06
C16 GPI B . 9.92 -3.11 -6.78
N19 GPI B . 10.97 -6.49 -5.25
C20 GPI B . 10.23 -7.40 -6.03
C21 GPI B . 9.39 -6.93 -7.05
C22 GPI B . 9.29 -5.54 -7.30
C17 GPI B . 10.04 -4.63 -6.51
C18 GPI B . 10.88 -5.11 -5.49
C7 GPI B . 8.88 -0.35 -3.34
O7 GPI B . 9.22 -1.04 -4.30
C8 GPI B . 9.95 0.37 -2.49
O8 GPI B . 10.11 1.58 -2.60
C9 GPI B . 10.81 -0.44 -1.51
C12 GPI B . 11.40 -1.66 -2.23
C13 GPI B . 9.95 -0.91 -0.33
C10 GPI B . 11.96 0.44 -0.98
C11 GPI B . 12.81 -0.36 0.02
H2 GPI B . 6.24 -1.79 -3.20
H51 GPI B . 7.09 0.08 -0.91
H52 GPI B . 7.53 1.56 -1.78
H31 GPI B . 4.30 -0.32 -3.61
H32 GPI B . 5.30 0.88 -4.44
H41 GPI B . 4.87 0.39 -1.50
H42 GPI B . 5.29 1.95 -2.29
H141 GPI B . 8.21 -2.92 -4.93
H142 GPI B . 7.32 -4.13 -5.87
H151 GPI B . 8.10 -3.32 -7.92
H152 GPI B . 8.39 -1.68 -7.28
H161 GPI B . 10.54 -2.86 -7.64
H162 GPI B . 10.27 -2.57 -5.91
H20 GPI B . 10.31 -8.46 -5.84
H21 GPI B . 8.82 -7.63 -7.65
H22 GPI B . 8.64 -5.18 -8.07
H18 GPI B . 11.45 -4.41 -4.90
H121 GPI B . 10.96 -1.77 -3.20
H122 GPI B . 12.47 -1.53 -2.34
H123 GPI B . 11.21 -2.55 -1.66
H131 GPI B . 9.98 -0.17 0.47
H132 GPI B . 8.92 -1.01 -0.67
H133 GPI B . 10.32 -1.87 0.05
H101 GPI B . 11.54 1.31 -0.48
H102 GPI B . 12.58 0.76 -1.82
H111 GPI B . 13.79 -0.51 -0.38
H112 GPI B . 12.89 0.20 0.93
H113 GPI B . 12.35 -1.31 0.21
N GLY A 1 -3.60 -12.72 3.40
CA GLY A 1 -4.41 -11.77 2.65
C GLY A 1 -3.90 -10.39 3.04
N VAL A 2 -4.74 -9.36 2.83
CA VAL A 2 -4.48 -7.98 3.22
C VAL A 2 -5.74 -7.63 4.02
N GLN A 3 -5.56 -6.88 5.06
CA GLN A 3 -6.62 -6.42 5.93
C GLN A 3 -6.57 -4.89 5.75
N VAL A 4 -7.68 -4.23 5.49
CA VAL A 4 -7.74 -2.80 5.21
C VAL A 4 -8.42 -2.21 6.47
N GLU A 5 -7.77 -1.35 7.23
CA GLU A 5 -8.40 -0.74 8.38
C GLU A 5 -8.36 0.75 8.11
N THR A 6 -9.47 1.46 8.13
CA THR A 6 -9.50 2.90 7.82
C THR A 6 -8.96 3.83 8.93
N ILE A 7 -8.22 4.86 8.54
CA ILE A 7 -7.75 5.96 9.39
C ILE A 7 -8.69 7.16 9.09
N SER A 8 -8.90 7.55 7.83
CA SER A 8 -9.81 8.63 7.49
C SER A 8 -10.57 8.17 6.23
N PRO A 9 -11.87 8.44 6.17
CA PRO A 9 -12.73 7.99 5.07
C PRO A 9 -12.40 8.69 3.77
N GLY A 10 -12.73 8.02 2.67
CA GLY A 10 -12.58 8.54 1.32
C GLY A 10 -13.94 9.05 0.82
N ASP A 11 -14.21 9.24 -0.46
CA ASP A 11 -15.51 9.78 -0.85
C ASP A 11 -16.63 8.72 -0.91
N GLY A 12 -16.21 7.45 -0.79
CA GLY A 12 -17.17 6.33 -0.88
C GLY A 12 -17.68 6.08 -2.27
N ARG A 13 -17.16 6.67 -3.34
CA ARG A 13 -17.71 6.42 -4.68
C ARG A 13 -16.64 6.23 -5.77
N THR A 14 -15.43 6.80 -5.64
CA THR A 14 -14.39 6.73 -6.69
C THR A 14 -13.31 5.74 -6.28
N PHE A 15 -13.49 4.49 -6.75
CA PHE A 15 -12.55 3.40 -6.45
C PHE A 15 -11.68 3.11 -7.68
N PRO A 16 -10.40 2.80 -7.52
CA PRO A 16 -9.48 2.63 -8.65
C PRO A 16 -9.84 1.41 -9.46
N LYS A 17 -9.60 1.52 -10.75
CA LYS A 17 -9.91 0.49 -11.71
C LYS A 17 -8.62 0.12 -12.40
N ARG A 18 -8.55 -1.09 -12.94
CA ARG A 18 -7.43 -1.55 -13.72
C ARG A 18 -7.06 -0.57 -14.87
N GLY A 19 -5.79 -0.24 -14.95
CA GLY A 19 -5.34 0.67 -15.94
C GLY A 19 -5.27 2.10 -15.43
N GLN A 20 -5.83 2.42 -14.29
CA GLN A 20 -5.66 3.75 -13.72
C GLN A 20 -4.42 3.87 -12.89
N THR A 21 -3.88 5.08 -12.87
CA THR A 21 -2.74 5.39 -12.02
C THR A 21 -3.18 5.91 -10.64
N CYS A 22 -2.78 5.20 -9.59
CA CYS A 22 -3.05 5.60 -8.22
C CYS A 22 -1.89 6.41 -7.67
N VAL A 23 -2.20 7.54 -7.08
CA VAL A 23 -1.21 8.51 -6.61
C VAL A 23 -1.39 8.41 -5.11
N VAL A 24 -0.40 7.88 -4.39
CA VAL A 24 -0.60 7.62 -2.98
C VAL A 24 0.52 8.19 -2.12
N HIS A 25 0.22 8.49 -0.87
CA HIS A 25 1.33 8.70 0.04
C HIS A 25 1.39 7.45 0.90
N TYR A 26 2.58 6.97 1.32
CA TYR A 26 2.64 5.79 2.15
C TYR A 26 3.79 5.86 3.17
N THR A 27 3.65 5.11 4.27
CA THR A 27 4.73 4.83 5.21
C THR A 27 4.61 3.34 5.43
N GLY A 28 5.64 2.58 5.15
CA GLY A 28 5.67 1.13 5.34
C GLY A 28 6.43 0.81 6.62
N MET A 29 5.84 -0.05 7.44
CA MET A 29 6.36 -0.50 8.72
C MET A 29 6.26 -2.03 8.83
N LEU A 30 7.19 -2.53 9.62
CA LEU A 30 7.27 -3.90 10.05
C LEU A 30 6.28 -4.05 11.20
N GLU A 31 5.87 -5.25 11.66
CA GLU A 31 4.93 -5.37 12.76
C GLU A 31 5.31 -4.75 14.09
N ASP A 32 6.59 -4.51 14.30
CA ASP A 32 7.02 -3.87 15.53
C ASP A 32 7.02 -2.34 15.48
N GLY A 33 6.52 -1.72 14.37
CA GLY A 33 6.46 -0.27 14.23
C GLY A 33 7.65 0.33 13.48
N LYS A 34 8.69 -0.43 13.24
CA LYS A 34 9.86 0.09 12.57
C LYS A 34 9.51 0.46 11.11
N LYS A 35 9.78 1.71 10.77
CA LYS A 35 9.55 2.24 9.45
C LYS A 35 10.66 1.76 8.57
N PHE A 36 10.34 1.23 7.41
CA PHE A 36 11.39 0.87 6.46
C PHE A 36 11.41 1.84 5.29
N ASP A 37 10.33 2.58 5.06
CA ASP A 37 10.30 3.59 3.97
C ASP A 37 9.03 4.41 4.05
N SER A 38 9.04 5.64 3.51
CA SER A 38 7.89 6.56 3.49
C SER A 38 8.05 7.60 2.39
N SER A 39 7.05 7.76 1.54
CA SER A 39 7.11 8.82 0.52
C SER A 39 6.83 10.17 1.20
N ARG A 40 6.18 10.11 2.38
CA ARG A 40 5.88 11.31 3.13
C ARG A 40 7.22 11.95 3.53
N ASP A 41 8.26 11.18 3.85
CA ASP A 41 9.57 11.75 4.15
C ASP A 41 10.20 12.37 2.90
N ARG A 42 9.88 11.87 1.70
CA ARG A 42 10.41 12.49 0.49
C ARG A 42 9.49 13.61 -0.03
N ASN A 43 8.28 13.73 0.54
CA ASN A 43 7.30 14.72 0.18
C ASN A 43 6.96 14.64 -1.32
N LYS A 44 6.95 13.46 -1.90
CA LYS A 44 6.60 13.30 -3.30
C LYS A 44 5.75 12.02 -3.32
N PRO A 45 4.48 12.05 -3.77
CA PRO A 45 3.59 10.89 -3.81
C PRO A 45 4.18 9.80 -4.69
N PHE A 46 3.83 8.55 -4.39
CA PHE A 46 4.32 7.46 -5.19
C PHE A 46 3.23 7.15 -6.22
N LYS A 47 3.55 6.88 -7.47
CA LYS A 47 2.51 6.54 -8.44
C LYS A 47 2.64 5.07 -8.88
N PHE A 48 1.55 4.31 -8.99
CA PHE A 48 1.62 3.01 -9.63
C PHE A 48 0.35 2.81 -10.42
N MET A 49 0.34 2.06 -11.53
CA MET A 49 -0.88 1.69 -12.26
C MET A 49 -1.41 0.37 -11.76
N LEU A 50 -2.68 0.40 -11.39
CA LEU A 50 -3.41 -0.76 -10.96
C LEU A 50 -3.52 -1.77 -12.07
N GLY A 51 -3.16 -3.03 -11.75
CA GLY A 51 -3.26 -4.16 -12.65
C GLY A 51 -2.04 -4.38 -13.51
N LYS A 52 -1.04 -3.50 -13.43
CA LYS A 52 0.14 -3.68 -14.23
C LYS A 52 1.19 -4.62 -13.65
N GLN A 53 0.97 -5.16 -12.45
CA GLN A 53 1.88 -6.09 -11.80
C GLN A 53 3.24 -5.49 -11.44
N GLU A 54 3.23 -4.23 -10.99
CA GLU A 54 4.48 -3.62 -10.61
C GLU A 54 4.61 -3.30 -9.13
N VAL A 55 3.59 -3.57 -8.34
CA VAL A 55 3.64 -3.47 -6.89
C VAL A 55 3.29 -4.85 -6.30
N ILE A 56 3.42 -5.03 -4.99
CA ILE A 56 3.15 -6.30 -4.37
C ILE A 56 1.64 -6.57 -4.38
N ARG A 57 1.30 -7.88 -4.39
CA ARG A 57 -0.10 -8.31 -4.48
C ARG A 57 -0.99 -7.75 -3.38
N GLY A 58 -0.59 -7.56 -2.14
CA GLY A 58 -1.45 -6.99 -1.12
C GLY A 58 -1.78 -5.51 -1.41
N TRP A 59 -0.94 -4.80 -2.20
CA TRP A 59 -1.24 -3.42 -2.64
C TRP A 59 -2.30 -3.41 -3.76
N GLU A 60 -2.11 -4.15 -4.86
CA GLU A 60 -3.13 -4.30 -5.93
C GLU A 60 -4.52 -4.60 -5.34
N GLU A 61 -4.53 -5.52 -4.36
CA GLU A 61 -5.76 -5.90 -3.69
C GLU A 61 -6.24 -4.91 -2.66
N GLY A 62 -5.35 -4.25 -1.94
CA GLY A 62 -5.79 -3.39 -0.89
C GLY A 62 -6.18 -2.00 -1.32
N VAL A 63 -5.34 -1.40 -2.16
CA VAL A 63 -5.65 -0.08 -2.61
C VAL A 63 -6.90 -0.12 -3.52
N ALA A 64 -7.22 -1.22 -4.21
CA ALA A 64 -8.44 -1.30 -5.00
C ALA A 64 -9.70 -1.19 -4.14
N GLN A 65 -9.55 -1.45 -2.84
CA GLN A 65 -10.65 -1.31 -1.90
C GLN A 65 -10.80 0.10 -1.40
N MET A 66 -10.00 1.07 -1.82
CA MET A 66 -10.02 2.39 -1.22
C MET A 66 -10.65 3.36 -2.19
N SER A 67 -11.41 4.32 -1.66
CA SER A 67 -11.98 5.41 -2.43
C SER A 67 -11.08 6.64 -2.36
N VAL A 68 -11.11 7.53 -3.33
CA VAL A 68 -10.27 8.71 -3.31
C VAL A 68 -10.53 9.51 -2.05
N GLY A 69 -9.42 9.84 -1.39
CA GLY A 69 -9.40 10.61 -0.17
C GLY A 69 -9.13 9.75 1.07
N GLN A 70 -9.22 8.42 0.93
CA GLN A 70 -9.16 7.58 2.08
C GLN A 70 -7.75 7.28 2.50
N ARG A 71 -7.60 7.18 3.82
CA ARG A 71 -6.32 6.87 4.46
C ARG A 71 -6.66 5.65 5.29
N ALA A 72 -5.88 4.61 5.02
CA ALA A 72 -6.04 3.31 5.64
C ALA A 72 -4.73 2.58 5.95
N LYS A 73 -4.79 1.67 6.90
CA LYS A 73 -3.69 0.79 7.25
C LYS A 73 -3.91 -0.57 6.63
N LEU A 74 -2.98 -1.04 5.82
CA LEU A 74 -3.11 -2.29 5.11
C LEU A 74 -2.18 -3.28 5.80
N THR A 75 -2.66 -4.35 6.44
CA THR A 75 -1.76 -5.35 7.03
C THR A 75 -1.68 -6.51 6.01
N ILE A 76 -0.49 -6.82 5.52
CA ILE A 76 -0.30 -7.70 4.38
C ILE A 76 0.54 -8.90 4.83
N SER A 77 -0.01 -10.11 4.64
CA SER A 77 0.69 -11.33 4.96
C SER A 77 1.91 -11.52 4.05
N PRO A 78 2.97 -12.24 4.43
CA PRO A 78 4.16 -12.40 3.61
C PRO A 78 3.89 -12.96 2.24
N ASP A 79 2.92 -13.87 2.09
CA ASP A 79 2.64 -14.44 0.80
C ASP A 79 2.01 -13.47 -0.19
N TYR A 80 1.54 -12.32 0.34
CA TYR A 80 0.97 -11.20 -0.40
C TYR A 80 1.95 -10.05 -0.49
N ALA A 81 3.18 -10.30 -0.12
CA ALA A 81 4.21 -9.27 -0.10
C ALA A 81 5.45 -9.92 -0.67
N TYR A 82 6.58 -10.09 0.07
CA TYR A 82 7.86 -10.58 -0.44
C TYR A 82 8.20 -12.06 -0.11
N GLY A 83 7.23 -12.75 0.54
CA GLY A 83 7.28 -14.17 0.80
C GLY A 83 8.51 -14.53 1.59
N ALA A 84 9.10 -15.62 1.12
CA ALA A 84 10.28 -16.16 1.76
C ALA A 84 11.53 -15.43 1.29
N THR A 85 11.53 -14.70 0.16
CA THR A 85 12.72 -13.95 -0.19
C THR A 85 12.92 -12.72 0.69
N GLY A 86 11.84 -11.99 0.95
CA GLY A 86 11.99 -10.70 1.61
C GLY A 86 12.59 -9.72 0.59
N HIS A 87 13.04 -8.55 0.97
CA HIS A 87 13.62 -7.64 0.00
C HIS A 87 15.03 -7.45 0.48
N PRO A 88 16.10 -7.89 -0.23
CA PRO A 88 17.48 -8.01 0.27
C PRO A 88 17.90 -6.74 1.01
N GLY A 89 18.25 -6.99 2.28
CA GLY A 89 18.64 -5.94 3.20
C GLY A 89 17.51 -5.14 3.89
N ILE A 90 16.29 -5.00 3.32
CA ILE A 90 15.25 -4.18 3.93
C ILE A 90 14.16 -4.96 4.63
N ILE A 91 13.59 -5.97 3.97
CA ILE A 91 12.47 -6.71 4.56
C ILE A 91 13.06 -8.09 4.81
N PRO A 92 12.91 -8.73 5.98
CA PRO A 92 13.30 -10.13 6.24
C PRO A 92 12.46 -11.12 5.47
N PRO A 93 12.87 -12.40 5.32
CA PRO A 93 11.98 -13.48 4.92
C PRO A 93 10.79 -13.57 5.88
N HIS A 94 9.65 -13.91 5.27
CA HIS A 94 8.40 -14.22 5.97
C HIS A 94 7.84 -13.06 6.76
N ALA A 95 8.11 -11.79 6.39
CA ALA A 95 7.63 -10.64 7.14
C ALA A 95 6.17 -10.18 6.86
N THR A 96 5.32 -9.91 7.86
CA THR A 96 4.04 -9.25 7.66
C THR A 96 4.33 -7.73 7.56
N LEU A 97 3.78 -7.05 6.56
CA LEU A 97 4.07 -5.65 6.37
C LEU A 97 2.84 -4.80 6.72
N VAL A 98 3.05 -3.61 7.24
CA VAL A 98 1.98 -2.76 7.64
C VAL A 98 2.19 -1.50 6.85
N PHE A 99 1.25 -1.09 6.00
CA PHE A 99 1.42 0.14 5.25
C PHE A 99 0.32 1.15 5.66
N ASP A 100 0.69 2.40 5.85
CA ASP A 100 -0.22 3.50 6.11
C ASP A 100 -0.22 4.14 4.74
N VAL A 101 -1.37 4.06 4.10
CA VAL A 101 -1.55 4.47 2.71
C VAL A 101 -2.71 5.46 2.57
N GLU A 102 -2.49 6.55 1.85
CA GLU A 102 -3.51 7.54 1.63
C GLU A 102 -3.70 7.61 0.15
N LEU A 103 -4.90 7.36 -0.35
CA LEU A 103 -5.13 7.43 -1.79
C LEU A 103 -5.52 8.88 -2.13
N LEU A 104 -4.60 9.55 -2.79
CA LEU A 104 -4.71 10.99 -3.05
C LEU A 104 -5.51 11.37 -4.29
N LYS A 105 -5.23 10.61 -5.36
CA LYS A 105 -5.70 11.01 -6.67
C LYS A 105 -5.66 9.81 -7.61
N LEU A 106 -6.50 9.79 -8.66
CA LEU A 106 -6.42 8.79 -9.72
C LEU A 106 -6.19 9.59 -10.98
N GLU A 107 -5.22 9.10 -11.73
CA GLU A 107 -4.84 9.71 -12.99
C GLU A 107 -4.91 8.68 -14.12
C2 GPI B . 6.24 -0.98 -3.74
N6 GPI B . 7.38 -0.39 -2.92
C5 GPI B . 6.68 0.42 -1.81
C3 GPI B . 5.13 0.05 -3.67
C4 GPI B . 5.25 0.70 -2.31
C1 GPI B . 6.68 -1.15 -5.21
O1 GPI B . 7.20 -0.21 -5.81
O2 GPI B . 6.50 -2.35 -5.84
C14 GPI B . 7.41 -3.33 -5.30
C15 GPI B . 8.79 -3.14 -5.95
C16 GPI B . 8.94 -4.13 -7.12
N19 GPI B . 9.79 -7.49 -5.43
C20 GPI B . 8.60 -8.23 -5.63
C21 GPI B . 7.52 -7.64 -6.31
C22 GPI B . 7.63 -6.31 -6.79
C17 GPI B . 8.83 -5.58 -6.59
C18 GPI B . 9.90 -6.17 -5.91
C7 GPI B . 8.68 -0.52 -3.12
O7 GPI B . 9.09 -1.19 -4.07
C8 GPI B . 9.68 0.16 -2.17
O8 GPI B . 9.85 1.38 -2.22
C9 GPI B . 10.46 -0.69 -1.15
C12 GPI B . 11.40 -1.65 -1.90
C13 GPI B . 9.47 -1.49 -0.29
C10 GPI B . 11.29 0.24 -0.25
C11 GPI B . 12.07 -0.60 0.78
H2 GPI B . 6.02 -1.93 -3.27
H51 GPI B . 6.69 -0.13 -0.85
H52 GPI B . 7.22 1.36 -1.65
H31 GPI B . 4.14 -0.43 -3.78
H32 GPI B . 5.21 0.78 -4.50
H41 GPI B . 4.53 0.20 -1.61
H42 GPI B . 5.03 1.78 -2.32
H141 GPI B . 7.03 -4.32 -5.52
H142 GPI B . 7.49 -3.19 -4.22
H151 GPI B . 8.90 -2.12 -6.32
H152 GPI B . 9.56 -3.34 -5.21
H161 GPI B . 8.17 -3.95 -7.85
H162 GPI B . 9.92 -4.00 -7.58
H20 GPI B . 8.52 -9.24 -5.26
H21 GPI B . 6.61 -8.19 -6.46
H22 GPI B . 6.80 -5.85 -7.30
H18 GPI B . 10.82 -5.62 -5.76
H121 GPI B . 11.04 -1.80 -2.89
H122 GPI B . 12.38 -1.20 -1.95
H123 GPI B . 11.45 -2.58 -1.39
H131 GPI B . 8.61 -1.79 -0.89
H132 GPI B . 9.99 -2.39 0.07
H133 GPI B . 9.14 -0.89 0.56
H101 GPI B . 10.63 0.93 0.28
H102 GPI B . 11.99 0.81 -0.85
H111 GPI B . 11.63 -1.57 0.84
H112 GPI B . 13.08 -0.70 0.45
H113 GPI B . 12.04 -0.13 1.74
N GLY A 1 -3.60 -12.72 3.40
CA GLY A 1 -4.41 -11.77 2.65
C GLY A 1 -3.90 -10.39 3.04
N VAL A 2 -4.74 -9.36 2.83
CA VAL A 2 -4.48 -7.98 3.22
C VAL A 2 -5.74 -7.63 4.02
N GLN A 3 -5.56 -6.88 5.06
CA GLN A 3 -6.62 -6.42 5.93
C GLN A 3 -6.57 -4.89 5.75
N VAL A 4 -7.68 -4.23 5.49
CA VAL A 4 -7.74 -2.80 5.21
C VAL A 4 -8.42 -2.21 6.47
N GLU A 5 -7.77 -1.35 7.23
CA GLU A 5 -8.39 -0.73 8.39
C GLU A 5 -8.36 0.75 8.11
N THR A 6 -9.47 1.46 8.13
CA THR A 6 -9.50 2.90 7.82
C THR A 6 -8.96 3.83 8.93
N ILE A 7 -8.22 4.86 8.54
CA ILE A 7 -7.75 5.96 9.39
C ILE A 7 -8.69 7.16 9.09
N SER A 8 -8.90 7.55 7.83
CA SER A 8 -9.81 8.63 7.49
C SER A 8 -10.57 8.17 6.23
N PRO A 9 -11.87 8.44 6.17
CA PRO A 9 -12.73 7.99 5.07
C PRO A 9 -12.40 8.69 3.77
N GLY A 10 -12.73 8.02 2.67
CA GLY A 10 -12.58 8.54 1.32
C GLY A 10 -13.94 9.05 0.82
N ASP A 11 -14.21 9.24 -0.46
CA ASP A 11 -15.51 9.78 -0.85
C ASP A 11 -16.63 8.72 -0.91
N GLY A 12 -16.21 7.45 -0.79
CA GLY A 12 -17.17 6.33 -0.88
C GLY A 12 -17.68 6.08 -2.27
N ARG A 13 -17.16 6.67 -3.34
CA ARG A 13 -17.71 6.42 -4.68
C ARG A 13 -16.64 6.23 -5.77
N THR A 14 -15.43 6.80 -5.64
CA THR A 14 -14.39 6.73 -6.69
C THR A 14 -13.31 5.74 -6.28
N PHE A 15 -13.49 4.49 -6.75
CA PHE A 15 -12.55 3.40 -6.45
C PHE A 15 -11.68 3.11 -7.68
N PRO A 16 -10.40 2.80 -7.52
CA PRO A 16 -9.48 2.63 -8.65
C PRO A 16 -9.84 1.41 -9.46
N LYS A 17 -9.60 1.52 -10.75
CA LYS A 17 -9.91 0.49 -11.71
C LYS A 17 -8.62 0.12 -12.40
N ARG A 18 -8.55 -1.09 -12.94
CA ARG A 18 -7.43 -1.55 -13.72
C ARG A 18 -7.06 -0.57 -14.87
N GLY A 19 -5.79 -0.24 -14.95
CA GLY A 19 -5.35 0.68 -15.94
C GLY A 19 -5.27 2.10 -15.43
N GLN A 20 -5.83 2.42 -14.29
CA GLN A 20 -5.66 3.75 -13.72
C GLN A 20 -4.42 3.87 -12.89
N THR A 21 -3.88 5.08 -12.87
CA THR A 21 -2.74 5.39 -12.02
C THR A 21 -3.18 5.91 -10.64
N CYS A 22 -2.78 5.20 -9.59
CA CYS A 22 -3.05 5.60 -8.22
C CYS A 22 -1.89 6.41 -7.67
N VAL A 23 -2.20 7.54 -7.08
CA VAL A 23 -1.21 8.51 -6.61
C VAL A 23 -1.39 8.41 -5.11
N VAL A 24 -0.40 7.88 -4.39
CA VAL A 24 -0.60 7.62 -2.98
C VAL A 24 0.52 8.19 -2.12
N HIS A 25 0.22 8.49 -0.87
CA HIS A 25 1.32 8.70 0.04
C HIS A 25 1.39 7.45 0.90
N TYR A 26 2.59 6.98 1.31
CA TYR A 26 2.64 5.79 2.15
C TYR A 26 3.78 5.85 3.16
N THR A 27 3.64 5.11 4.26
CA THR A 27 4.73 4.83 5.21
C THR A 27 4.60 3.34 5.44
N GLY A 28 5.64 2.58 5.15
CA GLY A 28 5.67 1.13 5.34
C GLY A 28 6.43 0.81 6.62
N MET A 29 5.84 -0.05 7.44
CA MET A 29 6.36 -0.50 8.72
C MET A 29 6.26 -2.03 8.83
N LEU A 30 7.19 -2.53 9.62
CA LEU A 30 7.27 -3.90 10.05
C LEU A 30 6.28 -4.05 11.20
N GLU A 31 5.87 -5.25 11.66
CA GLU A 31 4.93 -5.37 12.76
C GLU A 31 5.31 -4.75 14.09
N ASP A 32 6.59 -4.51 14.30
CA ASP A 32 7.02 -3.87 15.53
C ASP A 32 7.02 -2.34 15.48
N GLY A 33 6.52 -1.72 14.37
CA GLY A 33 6.46 -0.27 14.23
C GLY A 33 7.65 0.33 13.48
N LYS A 34 8.69 -0.43 13.24
CA LYS A 34 9.86 0.09 12.57
C LYS A 34 9.51 0.45 11.11
N LYS A 35 9.78 1.71 10.77
CA LYS A 35 9.55 2.24 9.45
C LYS A 35 10.66 1.76 8.57
N PHE A 36 10.34 1.23 7.41
CA PHE A 36 11.39 0.87 6.46
C PHE A 36 11.41 1.84 5.29
N ASP A 37 10.33 2.58 5.06
CA ASP A 37 10.29 3.59 3.97
C ASP A 37 9.02 4.41 4.04
N SER A 38 9.04 5.64 3.51
CA SER A 38 7.89 6.56 3.49
C SER A 38 8.05 7.60 2.39
N SER A 39 7.04 7.76 1.53
CA SER A 39 7.11 8.82 0.52
C SER A 39 6.83 10.17 1.20
N ARG A 40 6.18 10.11 2.38
CA ARG A 40 5.88 11.31 3.13
C ARG A 40 7.22 11.95 3.53
N ASP A 41 8.26 11.18 3.85
CA ASP A 41 9.57 11.75 4.15
C ASP A 41 10.20 12.37 2.90
N ARG A 42 9.88 11.87 1.70
CA ARG A 42 10.41 12.49 0.49
C ARG A 42 9.49 13.61 -0.03
N ASN A 43 8.28 13.73 0.55
CA ASN A 43 7.30 14.72 0.18
C ASN A 43 6.96 14.64 -1.32
N LYS A 44 6.95 13.46 -1.90
CA LYS A 44 6.60 13.30 -3.30
C LYS A 44 5.75 12.02 -3.32
N PRO A 45 4.48 12.05 -3.77
CA PRO A 45 3.59 10.89 -3.81
C PRO A 45 4.18 9.81 -4.69
N PHE A 46 3.83 8.55 -4.39
CA PHE A 46 4.32 7.46 -5.19
C PHE A 46 3.24 7.15 -6.21
N LYS A 47 3.55 6.88 -7.47
CA LYS A 47 2.51 6.54 -8.44
C LYS A 47 2.64 5.08 -8.88
N PHE A 48 1.55 4.31 -8.99
CA PHE A 48 1.62 3.01 -9.63
C PHE A 48 0.34 2.82 -10.42
N MET A 49 0.34 2.06 -11.53
CA MET A 49 -0.88 1.69 -12.26
C MET A 49 -1.41 0.36 -11.76
N LEU A 50 -2.68 0.40 -11.39
CA LEU A 50 -3.41 -0.76 -10.96
C LEU A 50 -3.51 -1.78 -12.07
N GLY A 51 -3.16 -3.03 -11.75
CA GLY A 51 -3.26 -4.16 -12.65
C GLY A 51 -2.04 -4.38 -13.51
N LYS A 52 -1.04 -3.50 -13.43
CA LYS A 52 0.14 -3.68 -14.23
C LYS A 52 1.19 -4.62 -13.65
N GLN A 53 0.97 -5.16 -12.45
CA GLN A 53 1.88 -6.09 -11.80
C GLN A 53 3.24 -5.49 -11.44
N GLU A 54 3.23 -4.23 -10.99
CA GLU A 54 4.48 -3.62 -10.61
C GLU A 54 4.61 -3.30 -9.13
N VAL A 55 3.59 -3.57 -8.34
CA VAL A 55 3.64 -3.47 -6.89
C VAL A 55 3.29 -4.85 -6.30
N ILE A 56 3.42 -5.03 -4.99
CA ILE A 56 3.15 -6.30 -4.37
C ILE A 56 1.64 -6.57 -4.38
N ARG A 57 1.30 -7.88 -4.39
CA ARG A 57 -0.10 -8.31 -4.48
C ARG A 57 -0.99 -7.75 -3.38
N GLY A 58 -0.59 -7.56 -2.14
CA GLY A 58 -1.45 -6.99 -1.12
C GLY A 58 -1.78 -5.51 -1.41
N TRP A 59 -0.94 -4.80 -2.20
CA TRP A 59 -1.24 -3.42 -2.64
C TRP A 59 -2.30 -3.41 -3.76
N GLU A 60 -2.11 -4.15 -4.86
CA GLU A 60 -3.13 -4.30 -5.93
C GLU A 60 -4.52 -4.60 -5.34
N GLU A 61 -4.52 -5.51 -4.37
CA GLU A 61 -5.76 -5.90 -3.69
C GLU A 61 -6.24 -4.91 -2.66
N GLY A 62 -5.35 -4.25 -1.94
CA GLY A 62 -5.79 -3.39 -0.89
C GLY A 62 -6.18 -2.00 -1.32
N VAL A 63 -5.34 -1.40 -2.16
CA VAL A 63 -5.65 -0.08 -2.61
C VAL A 63 -6.90 -0.12 -3.52
N ALA A 64 -7.22 -1.22 -4.21
CA ALA A 64 -8.43 -1.29 -5.01
C ALA A 64 -9.70 -1.19 -4.14
N GLN A 65 -9.55 -1.45 -2.84
CA GLN A 65 -10.65 -1.31 -1.90
C GLN A 65 -10.80 0.10 -1.40
N MET A 66 -10.00 1.07 -1.82
CA MET A 66 -10.02 2.39 -1.22
C MET A 66 -10.65 3.36 -2.19
N SER A 67 -11.41 4.32 -1.66
CA SER A 67 -11.98 5.40 -2.43
C SER A 67 -11.08 6.64 -2.36
N VAL A 68 -11.11 7.53 -3.33
CA VAL A 68 -10.27 8.71 -3.31
C VAL A 68 -10.53 9.51 -2.05
N GLY A 69 -9.42 9.84 -1.39
CA GLY A 69 -9.40 10.61 -0.17
C GLY A 69 -9.13 9.75 1.07
N GLN A 70 -9.22 8.42 0.93
CA GLN A 70 -9.16 7.58 2.08
C GLN A 70 -7.75 7.27 2.50
N ARG A 71 -7.60 7.18 3.82
CA ARG A 71 -6.32 6.87 4.46
C ARG A 71 -6.66 5.65 5.29
N ALA A 72 -5.88 4.61 5.02
CA ALA A 72 -6.04 3.31 5.64
C ALA A 72 -4.73 2.57 5.95
N LYS A 73 -4.79 1.67 6.90
CA LYS A 73 -3.68 0.80 7.26
C LYS A 73 -3.91 -0.57 6.63
N LEU A 74 -2.98 -1.04 5.82
CA LEU A 74 -3.11 -2.29 5.11
C LEU A 74 -2.18 -3.28 5.80
N THR A 75 -2.66 -4.35 6.44
CA THR A 75 -1.76 -5.35 7.03
C THR A 75 -1.68 -6.51 6.01
N ILE A 76 -0.49 -6.82 5.52
CA ILE A 76 -0.30 -7.70 4.38
C ILE A 76 0.54 -8.90 4.83
N SER A 77 -0.01 -10.11 4.64
CA SER A 77 0.70 -11.34 4.96
C SER A 77 1.91 -11.52 4.05
N PRO A 78 2.97 -12.24 4.43
CA PRO A 78 4.15 -12.41 3.61
C PRO A 78 3.89 -12.96 2.24
N ASP A 79 2.92 -13.87 2.09
CA ASP A 79 2.64 -14.44 0.80
C ASP A 79 2.01 -13.47 -0.19
N TYR A 80 1.54 -12.32 0.34
CA TYR A 80 0.98 -11.21 -0.40
C TYR A 80 1.95 -10.05 -0.49
N ALA A 81 3.18 -10.30 -0.12
CA ALA A 81 4.21 -9.27 -0.10
C ALA A 81 5.45 -9.92 -0.67
N TYR A 82 6.58 -10.09 0.07
CA TYR A 82 7.86 -10.58 -0.44
C TYR A 82 8.20 -12.06 -0.11
N GLY A 83 7.23 -12.75 0.54
CA GLY A 83 7.28 -14.17 0.80
C GLY A 83 8.51 -14.53 1.59
N ALA A 84 9.10 -15.62 1.12
CA ALA A 84 10.28 -16.16 1.76
C ALA A 84 11.53 -15.43 1.29
N THR A 85 11.53 -14.70 0.16
CA THR A 85 12.72 -13.95 -0.19
C THR A 85 12.92 -12.72 0.69
N GLY A 86 11.84 -11.99 0.95
CA GLY A 86 11.99 -10.70 1.61
C GLY A 86 12.59 -9.72 0.59
N HIS A 87 13.04 -8.55 0.97
CA HIS A 87 13.62 -7.64 0.00
C HIS A 87 15.03 -7.45 0.48
N PRO A 88 16.10 -7.89 -0.23
CA PRO A 88 17.48 -8.01 0.27
C PRO A 88 17.90 -6.74 1.01
N GLY A 89 18.26 -6.98 2.27
CA GLY A 89 18.65 -5.93 3.20
C GLY A 89 17.51 -5.14 3.89
N ILE A 90 16.29 -5.00 3.32
CA ILE A 90 15.25 -4.18 3.93
C ILE A 90 14.16 -4.96 4.63
N ILE A 91 13.59 -5.97 3.97
CA ILE A 91 12.47 -6.71 4.56
C ILE A 91 13.06 -8.09 4.81
N PRO A 92 12.91 -8.73 5.98
CA PRO A 92 13.30 -10.13 6.24
C PRO A 92 12.45 -11.13 5.46
N PRO A 93 12.87 -12.40 5.32
CA PRO A 93 11.98 -13.48 4.92
C PRO A 93 10.79 -13.57 5.88
N HIS A 94 9.65 -13.91 5.27
CA HIS A 94 8.40 -14.22 5.96
C HIS A 94 7.84 -13.06 6.76
N ALA A 95 8.12 -11.80 6.39
CA ALA A 95 7.63 -10.64 7.14
C ALA A 95 6.17 -10.18 6.86
N THR A 96 5.32 -9.91 7.86
CA THR A 96 4.04 -9.25 7.66
C THR A 96 4.33 -7.73 7.56
N LEU A 97 3.78 -7.05 6.56
CA LEU A 97 4.07 -5.65 6.37
C LEU A 97 2.84 -4.80 6.72
N VAL A 98 3.05 -3.61 7.24
CA VAL A 98 1.98 -2.76 7.64
C VAL A 98 2.19 -1.50 6.85
N PHE A 99 1.24 -1.08 6.00
CA PHE A 99 1.42 0.14 5.25
C PHE A 99 0.32 1.15 5.66
N ASP A 100 0.69 2.40 5.85
CA ASP A 100 -0.22 3.50 6.11
C ASP A 100 -0.22 4.14 4.74
N VAL A 101 -1.37 4.06 4.10
CA VAL A 101 -1.55 4.47 2.71
C VAL A 101 -2.71 5.46 2.57
N GLU A 102 -2.49 6.55 1.85
CA GLU A 102 -3.51 7.54 1.63
C GLU A 102 -3.70 7.61 0.15
N LEU A 103 -4.90 7.36 -0.36
CA LEU A 103 -5.13 7.43 -1.79
C LEU A 103 -5.52 8.88 -2.13
N LEU A 104 -4.60 9.55 -2.79
CA LEU A 104 -4.71 10.99 -3.05
C LEU A 104 -5.51 11.37 -4.29
N LYS A 105 -5.23 10.61 -5.36
CA LYS A 105 -5.70 11.01 -6.67
C LYS A 105 -5.66 9.81 -7.61
N LEU A 106 -6.50 9.79 -8.66
CA LEU A 106 -6.42 8.80 -9.72
C LEU A 106 -6.19 9.59 -10.98
N GLU A 107 -5.22 9.10 -11.73
CA GLU A 107 -4.84 9.71 -12.99
C GLU A 107 -4.91 8.68 -14.12
C2 GPI B . 6.55 -1.02 -4.18
N6 GPI B . 7.75 -0.38 -3.48
C5 GPI B . 7.13 0.36 -2.27
C3 GPI B . 5.40 -0.05 -3.98
C4 GPI B . 5.65 0.58 -2.62
C1 GPI B . 6.85 -1.15 -5.69
O1 GPI B . 7.29 -0.19 -6.31
O2 GPI B . 6.63 -2.32 -6.33
C14 GPI B . 7.72 -3.22 -6.10
C15 GPI B . 8.90 -2.84 -7.00
C16 GPI B . 10.20 -3.39 -6.40
N19 GPI B . 10.53 -7.03 -5.19
C20 GPI B . 9.99 -7.75 -6.28
C21 GPI B . 9.52 -7.06 -7.41
C22 GPI B . 9.59 -5.66 -7.44
C17 GPI B . 10.13 -4.93 -6.35
C18 GPI B . 10.60 -5.63 -5.22
C7 GPI B . 9.02 -0.46 -3.81
O7 GPI B . 9.36 -1.10 -4.80
C8 GPI B . 10.09 0.25 -2.95
O8 GPI B . 10.16 1.49 -2.98
C9 GPI B . 11.04 -0.57 -2.07
C12 GPI B . 11.79 -1.59 -2.95
C13 GPI B . 10.24 -1.31 -0.99
C10 GPI B . 12.06 0.38 -1.41
C11 GPI B . 13.05 -0.45 -0.56
H2 GPI B . 6.43 -2.00 -3.71
H51 GPI B . 7.27 -0.18 -1.33
H52 GPI B . 7.64 1.34 -2.15
H31 GPI B . 4.44 -0.58 -3.98
H32 GPI B . 5.36 0.70 -4.79
H41 GPI B . 5.03 0.05 -1.85
H42 GPI B . 5.37 1.65 -2.59
H141 GPI B . 8.04 -3.16 -5.05
H142 GPI B . 7.41 -4.25 -6.32
H151 GPI B . 8.97 -1.75 -7.08
H152 GPI B . 8.75 -3.27 -7.99
H161 GPI B . 11.04 -3.08 -7.00
H162 GPI B . 10.32 -3.01 -5.39
H20 GPI B . 9.94 -8.84 -6.24
H21 GPI B . 9.11 -7.61 -8.24
H22 GPI B . 9.23 -5.12 -8.31
H18 GPI B . 11.02 -5.09 -4.39
H121 GPI B . 12.68 -1.15 -3.34
H122 GPI B . 12.06 -2.43 -2.34
H123 GPI B . 11.16 -1.91 -3.75
H131 GPI B . 9.17 -1.18 -1.18
H132 GPI B . 10.48 -2.37 -1.03
H133 GPI B . 10.48 -0.90 0.00
H101 GPI B . 11.54 1.09 -0.77
H102 GPI B . 12.61 0.92 -2.18
H111 GPI B . 12.82 -1.49 -0.65
H112 GPI B . 14.04 -0.28 -0.91
H113 GPI B . 12.97 -0.15 0.47
N GLY A 1 -3.60 -12.72 3.40
CA GLY A 1 -4.41 -11.77 2.65
C GLY A 1 -3.90 -10.39 3.04
N VAL A 2 -4.74 -9.36 2.83
CA VAL A 2 -4.48 -7.98 3.22
C VAL A 2 -5.74 -7.63 4.02
N GLN A 3 -5.56 -6.88 5.06
CA GLN A 3 -6.62 -6.42 5.93
C GLN A 3 -6.57 -4.89 5.75
N VAL A 4 -7.68 -4.23 5.49
CA VAL A 4 -7.74 -2.80 5.21
C VAL A 4 -8.42 -2.21 6.47
N GLU A 5 -7.77 -1.35 7.23
CA GLU A 5 -8.40 -0.74 8.38
C GLU A 5 -8.36 0.75 8.11
N THR A 6 -9.47 1.46 8.13
CA THR A 6 -9.50 2.90 7.82
C THR A 6 -8.96 3.83 8.93
N ILE A 7 -8.22 4.86 8.54
CA ILE A 7 -7.75 5.96 9.39
C ILE A 7 -8.69 7.16 9.09
N SER A 8 -8.90 7.55 7.83
CA SER A 8 -9.81 8.63 7.49
C SER A 8 -10.57 8.17 6.23
N PRO A 9 -11.87 8.44 6.17
CA PRO A 9 -12.73 7.99 5.07
C PRO A 9 -12.39 8.69 3.76
N GLY A 10 -12.73 8.02 2.67
CA GLY A 10 -12.58 8.54 1.32
C GLY A 10 -13.94 9.05 0.82
N ASP A 11 -14.21 9.24 -0.46
CA ASP A 11 -15.51 9.78 -0.85
C ASP A 11 -16.63 8.72 -0.91
N GLY A 12 -16.21 7.45 -0.79
CA GLY A 12 -17.17 6.33 -0.88
C GLY A 12 -17.68 6.08 -2.27
N ARG A 13 -17.16 6.67 -3.34
CA ARG A 13 -17.71 6.42 -4.68
C ARG A 13 -16.64 6.23 -5.77
N THR A 14 -15.43 6.80 -5.64
CA THR A 14 -14.39 6.73 -6.69
C THR A 14 -13.31 5.74 -6.27
N PHE A 15 -13.49 4.49 -6.75
CA PHE A 15 -12.55 3.40 -6.45
C PHE A 15 -11.68 3.11 -7.68
N PRO A 16 -10.40 2.80 -7.52
CA PRO A 16 -9.48 2.63 -8.65
C PRO A 16 -9.84 1.41 -9.46
N LYS A 17 -9.60 1.52 -10.75
CA LYS A 17 -9.91 0.49 -11.71
C LYS A 17 -8.62 0.12 -12.40
N ARG A 18 -8.55 -1.09 -12.94
CA ARG A 18 -7.43 -1.55 -13.72
C ARG A 18 -7.06 -0.57 -14.87
N GLY A 19 -5.79 -0.24 -14.95
CA GLY A 19 -5.35 0.68 -15.94
C GLY A 19 -5.27 2.10 -15.43
N GLN A 20 -5.83 2.42 -14.29
CA GLN A 20 -5.66 3.75 -13.72
C GLN A 20 -4.42 3.87 -12.89
N THR A 21 -3.88 5.08 -12.87
CA THR A 21 -2.74 5.39 -12.02
C THR A 21 -3.18 5.92 -10.64
N CYS A 22 -2.78 5.20 -9.59
CA CYS A 22 -3.05 5.60 -8.22
C CYS A 22 -1.89 6.41 -7.67
N VAL A 23 -2.20 7.54 -7.08
CA VAL A 23 -1.21 8.51 -6.61
C VAL A 23 -1.39 8.41 -5.11
N VAL A 24 -0.40 7.88 -4.39
CA VAL A 24 -0.60 7.62 -2.98
C VAL A 24 0.52 8.19 -2.12
N HIS A 25 0.22 8.49 -0.87
CA HIS A 25 1.32 8.70 0.04
C HIS A 25 1.39 7.45 0.90
N TYR A 26 2.59 6.98 1.31
CA TYR A 26 2.64 5.79 2.15
C TYR A 26 3.78 5.85 3.16
N THR A 27 3.65 5.11 4.27
CA THR A 27 4.73 4.83 5.21
C THR A 27 4.60 3.34 5.44
N GLY A 28 5.64 2.58 5.15
CA GLY A 28 5.67 1.13 5.34
C GLY A 28 6.43 0.81 6.62
N MET A 29 5.84 -0.05 7.44
CA MET A 29 6.36 -0.50 8.72
C MET A 29 6.26 -2.03 8.83
N LEU A 30 7.19 -2.53 9.62
CA LEU A 30 7.27 -3.90 10.05
C LEU A 30 6.28 -4.05 11.20
N GLU A 31 5.87 -5.25 11.66
CA GLU A 31 4.93 -5.37 12.76
C GLU A 31 5.31 -4.75 14.09
N ASP A 32 6.59 -4.51 14.30
CA ASP A 32 7.02 -3.87 15.53
C ASP A 32 7.02 -2.34 15.48
N GLY A 33 6.52 -1.72 14.37
CA GLY A 33 6.46 -0.27 14.23
C GLY A 33 7.65 0.33 13.48
N LYS A 34 8.69 -0.43 13.24
CA LYS A 34 9.86 0.09 12.57
C LYS A 34 9.51 0.46 11.11
N LYS A 35 9.78 1.71 10.77
CA LYS A 35 9.55 2.24 9.45
C LYS A 35 10.66 1.76 8.57
N PHE A 36 10.34 1.23 7.41
CA PHE A 36 11.39 0.87 6.46
C PHE A 36 11.41 1.84 5.29
N ASP A 37 10.33 2.58 5.06
CA ASP A 37 10.29 3.59 3.97
C ASP A 37 9.03 4.41 4.05
N SER A 38 9.04 5.64 3.51
CA SER A 38 7.89 6.56 3.49
C SER A 38 8.05 7.60 2.39
N SER A 39 7.04 7.76 1.53
CA SER A 39 7.11 8.82 0.52
C SER A 39 6.83 10.17 1.20
N ARG A 40 6.18 10.11 2.38
CA ARG A 40 5.87 11.31 3.12
C ARG A 40 7.22 11.95 3.53
N ASP A 41 8.26 11.18 3.85
CA ASP A 41 9.57 11.75 4.15
C ASP A 41 10.20 12.37 2.90
N ARG A 42 9.88 11.87 1.70
CA ARG A 42 10.40 12.50 0.49
C ARG A 42 9.49 13.61 -0.03
N ASN A 43 8.28 13.73 0.55
CA ASN A 43 7.30 14.72 0.18
C ASN A 43 6.96 14.64 -1.31
N LYS A 44 6.95 13.46 -1.90
CA LYS A 44 6.60 13.30 -3.30
C LYS A 44 5.75 12.02 -3.32
N PRO A 45 4.48 12.05 -3.77
CA PRO A 45 3.59 10.89 -3.81
C PRO A 45 4.18 9.80 -4.69
N PHE A 46 3.83 8.55 -4.39
CA PHE A 46 4.32 7.46 -5.19
C PHE A 46 3.23 7.15 -6.22
N LYS A 47 3.55 6.88 -7.47
CA LYS A 47 2.51 6.54 -8.44
C LYS A 47 2.64 5.08 -8.88
N PHE A 48 1.55 4.31 -8.99
CA PHE A 48 1.62 3.01 -9.63
C PHE A 48 0.35 2.81 -10.42
N MET A 49 0.34 2.06 -11.53
CA MET A 49 -0.88 1.69 -12.26
C MET A 49 -1.41 0.36 -11.76
N LEU A 50 -2.68 0.40 -11.39
CA LEU A 50 -3.41 -0.76 -10.96
C LEU A 50 -3.51 -1.78 -12.07
N GLY A 51 -3.16 -3.03 -11.75
CA GLY A 51 -3.26 -4.16 -12.65
C GLY A 51 -2.04 -4.38 -13.51
N LYS A 52 -1.04 -3.50 -13.43
CA LYS A 52 0.14 -3.68 -14.23
C LYS A 52 1.19 -4.62 -13.65
N GLN A 53 0.97 -5.16 -12.45
CA GLN A 53 1.88 -6.09 -11.80
C GLN A 53 3.24 -5.49 -11.44
N GLU A 54 3.23 -4.23 -10.99
CA GLU A 54 4.48 -3.62 -10.61
C GLU A 54 4.61 -3.30 -9.13
N VAL A 55 3.59 -3.57 -8.34
CA VAL A 55 3.64 -3.47 -6.89
C VAL A 55 3.29 -4.85 -6.30
N ILE A 56 3.42 -5.03 -4.99
CA ILE A 56 3.15 -6.30 -4.37
C ILE A 56 1.64 -6.57 -4.38
N ARG A 57 1.30 -7.88 -4.39
CA ARG A 57 -0.10 -8.31 -4.48
C ARG A 57 -0.99 -7.75 -3.38
N GLY A 58 -0.59 -7.56 -2.14
CA GLY A 58 -1.45 -6.99 -1.12
C GLY A 58 -1.78 -5.51 -1.41
N TRP A 59 -0.94 -4.80 -2.20
CA TRP A 59 -1.24 -3.42 -2.64
C TRP A 59 -2.30 -3.41 -3.75
N GLU A 60 -2.11 -4.15 -4.86
CA GLU A 60 -3.13 -4.30 -5.93
C GLU A 60 -4.52 -4.60 -5.34
N GLU A 61 -4.52 -5.51 -4.37
CA GLU A 61 -5.76 -5.90 -3.69
C GLU A 61 -6.24 -4.91 -2.66
N GLY A 62 -5.35 -4.25 -1.94
CA GLY A 62 -5.79 -3.39 -0.89
C GLY A 62 -6.18 -2.00 -1.32
N VAL A 63 -5.34 -1.40 -2.16
CA VAL A 63 -5.65 -0.08 -2.61
C VAL A 63 -6.90 -0.12 -3.52
N ALA A 64 -7.22 -1.22 -4.21
CA ALA A 64 -8.43 -1.29 -5.01
C ALA A 64 -9.70 -1.19 -4.14
N GLN A 65 -9.55 -1.45 -2.84
CA GLN A 65 -10.65 -1.31 -1.90
C GLN A 65 -10.80 0.10 -1.40
N MET A 66 -10.00 1.07 -1.82
CA MET A 66 -10.02 2.39 -1.22
C MET A 66 -10.65 3.36 -2.19
N SER A 67 -11.41 4.32 -1.67
CA SER A 67 -11.98 5.41 -2.43
C SER A 67 -11.08 6.64 -2.36
N VAL A 68 -11.11 7.53 -3.33
CA VAL A 68 -10.27 8.71 -3.31
C VAL A 68 -10.53 9.51 -2.05
N GLY A 69 -9.42 9.84 -1.39
CA GLY A 69 -9.40 10.61 -0.17
C GLY A 69 -9.13 9.75 1.07
N GLN A 70 -9.22 8.42 0.93
CA GLN A 70 -9.16 7.58 2.08
C GLN A 70 -7.75 7.27 2.50
N ARG A 71 -7.60 7.18 3.82
CA ARG A 71 -6.32 6.87 4.46
C ARG A 71 -6.66 5.65 5.29
N ALA A 72 -5.87 4.61 5.02
CA ALA A 72 -6.04 3.31 5.64
C ALA A 72 -4.73 2.58 5.95
N LYS A 73 -4.79 1.67 6.90
CA LYS A 73 -3.68 0.80 7.26
C LYS A 73 -3.91 -0.57 6.63
N LEU A 74 -2.99 -1.04 5.81
CA LEU A 74 -3.11 -2.29 5.11
C LEU A 74 -2.18 -3.28 5.80
N THR A 75 -2.66 -4.34 6.43
CA THR A 75 -1.76 -5.35 7.03
C THR A 75 -1.68 -6.51 6.01
N ILE A 76 -0.49 -6.82 5.52
CA ILE A 76 -0.30 -7.70 4.38
C ILE A 76 0.54 -8.90 4.83
N SER A 77 -0.01 -10.11 4.64
CA SER A 77 0.70 -11.34 4.96
C SER A 77 1.91 -11.52 4.05
N PRO A 78 2.97 -12.24 4.43
CA PRO A 78 4.16 -12.40 3.61
C PRO A 78 3.89 -12.96 2.24
N ASP A 79 2.92 -13.87 2.09
CA ASP A 79 2.64 -14.44 0.80
C ASP A 79 2.01 -13.47 -0.19
N TYR A 80 1.54 -12.32 0.34
CA TYR A 80 0.97 -11.20 -0.40
C TYR A 80 1.95 -10.05 -0.49
N ALA A 81 3.18 -10.30 -0.12
CA ALA A 81 4.21 -9.27 -0.10
C ALA A 81 5.45 -9.92 -0.67
N TYR A 82 6.58 -10.09 0.07
CA TYR A 82 7.86 -10.58 -0.44
C TYR A 82 8.20 -12.06 -0.11
N GLY A 83 7.22 -12.76 0.55
CA GLY A 83 7.28 -14.17 0.80
C GLY A 83 8.52 -14.53 1.59
N ALA A 84 9.10 -15.62 1.12
CA ALA A 84 10.28 -16.16 1.76
C ALA A 84 11.53 -15.43 1.29
N THR A 85 11.53 -14.71 0.16
CA THR A 85 12.72 -13.95 -0.19
C THR A 85 12.92 -12.72 0.69
N GLY A 86 11.84 -11.99 0.95
CA GLY A 86 11.99 -10.70 1.61
C GLY A 86 12.59 -9.72 0.59
N HIS A 87 13.04 -8.55 0.97
CA HIS A 87 13.62 -7.64 0.00
C HIS A 87 15.03 -7.45 0.48
N PRO A 88 16.10 -7.89 -0.23
CA PRO A 88 17.48 -8.01 0.27
C PRO A 88 17.89 -6.73 1.01
N GLY A 89 18.25 -6.99 2.28
CA GLY A 89 18.65 -5.93 3.20
C GLY A 89 17.51 -5.14 3.89
N ILE A 90 16.29 -5.00 3.32
CA ILE A 90 15.25 -4.18 3.93
C ILE A 90 14.16 -4.96 4.63
N ILE A 91 13.59 -5.97 3.97
CA ILE A 91 12.47 -6.71 4.56
C ILE A 91 13.06 -8.09 4.81
N PRO A 92 12.91 -8.73 5.98
CA PRO A 92 13.30 -10.13 6.24
C PRO A 92 12.46 -11.12 5.47
N PRO A 93 12.87 -12.40 5.32
CA PRO A 93 11.98 -13.48 4.92
C PRO A 93 10.79 -13.57 5.88
N HIS A 94 9.65 -13.91 5.27
CA HIS A 94 8.40 -14.22 5.97
C HIS A 94 7.84 -13.06 6.76
N ALA A 95 8.12 -11.80 6.39
CA ALA A 95 7.63 -10.64 7.14
C ALA A 95 6.17 -10.18 6.86
N THR A 96 5.32 -9.91 7.86
CA THR A 96 4.04 -9.25 7.66
C THR A 96 4.33 -7.73 7.56
N LEU A 97 3.78 -7.05 6.56
CA LEU A 97 4.07 -5.65 6.37
C LEU A 97 2.84 -4.80 6.72
N VAL A 98 3.05 -3.61 7.24
CA VAL A 98 1.98 -2.76 7.64
C VAL A 98 2.19 -1.50 6.85
N PHE A 99 1.24 -1.08 6.00
CA PHE A 99 1.41 0.15 5.26
C PHE A 99 0.32 1.15 5.66
N ASP A 100 0.69 2.40 5.85
CA ASP A 100 -0.22 3.50 6.11
C ASP A 100 -0.22 4.14 4.74
N VAL A 101 -1.37 4.06 4.10
CA VAL A 101 -1.55 4.47 2.71
C VAL A 101 -2.71 5.46 2.57
N GLU A 102 -2.49 6.55 1.85
CA GLU A 102 -3.51 7.54 1.63
C GLU A 102 -3.69 7.61 0.14
N LEU A 103 -4.90 7.36 -0.36
CA LEU A 103 -5.13 7.43 -1.80
C LEU A 103 -5.52 8.88 -2.13
N LEU A 104 -4.60 9.55 -2.79
CA LEU A 104 -4.71 10.99 -3.05
C LEU A 104 -5.51 11.37 -4.29
N LYS A 105 -5.23 10.61 -5.36
CA LYS A 105 -5.70 11.01 -6.67
C LYS A 105 -5.66 9.81 -7.61
N LEU A 106 -6.50 9.79 -8.66
CA LEU A 106 -6.42 8.80 -9.72
C LEU A 106 -6.19 9.59 -10.98
N GLU A 107 -5.22 9.10 -11.73
CA GLU A 107 -4.84 9.71 -12.99
C GLU A 107 -4.91 8.68 -14.12
C2 GPI B . 5.69 -0.61 -2.96
N6 GPI B . 7.06 -0.12 -2.46
C5 GPI B . 6.82 1.32 -2.00
C3 GPI B . 5.03 0.63 -3.54
C4 GPI B . 5.54 1.80 -2.71
C1 GPI B . 5.88 -1.66 -4.06
O1 GPI B . 5.07 -2.57 -4.17
O2 GPI B . 6.94 -1.56 -4.92
C14 GPI B . 7.45 -2.86 -5.26
C15 GPI B . 8.73 -2.71 -6.08
C16 GPI B . 9.41 -4.09 -6.23
N19 GPI B . 7.14 -5.71 -8.88
C20 GPI B . 6.68 -6.86 -8.21
C21 GPI B . 7.11 -7.11 -6.88
C22 GPI B . 7.99 -6.21 -6.25
C17 GPI B . 8.44 -5.06 -6.93
C18 GPI B . 8.02 -4.81 -8.25
C7 GPI B . 8.19 -0.79 -2.43
O7 GPI B . 8.24 -1.95 -2.83
C8 GPI B . 9.47 -0.13 -1.88
O8 GPI B . 9.55 0.17 -0.69
C9 GPI B . 10.64 0.19 -2.82
C12 GPI B . 10.19 1.21 -3.89
C13 GPI B . 11.09 -1.11 -3.52
C10 GPI B . 11.81 0.77 -2.03
C11 GPI B . 12.30 -0.27 -0.99
H2 GPI B . 5.21 -1.03 -2.07
H51 GPI B . 6.74 1.41 -0.90
H52 GPI B . 7.67 1.96 -2.31
H31 GPI B . 3.92 0.54 -3.46
H32 GPI B . 5.27 0.73 -4.60
H41 GPI B . 4.77 2.04 -1.93
H42 GPI B . 5.70 2.71 -3.31
H141 GPI B . 7.66 -3.41 -4.34
H142 GPI B . 6.69 -3.39 -5.84
H151 GPI B . 9.41 -2.02 -5.58
H152 GPI B . 8.49 -2.32 -7.08
H161 GPI B . 9.66 -4.47 -5.24
H162 GPI B . 10.32 -3.98 -6.83
H20 GPI B . 6.00 -7.55 -8.70
H21 GPI B . 6.75 -7.99 -6.36
H22 GPI B . 8.32 -6.40 -5.24
H18 GPI B . 8.37 -3.93 -8.78
H121 GPI B . 9.23 1.60 -3.61
H122 GPI B . 10.90 2.02 -3.92
H123 GPI B . 10.13 0.74 -4.85
H131 GPI B . 12.07 -1.40 -3.15
H132 GPI B . 10.37 -1.90 -3.30
H133 GPI B . 11.15 -0.95 -4.61
H101 GPI B . 11.49 1.67 -1.50
H102 GPI B . 12.63 1.02 -2.70
H111 GPI B . 13.14 -0.78 -1.38
H112 GPI B . 12.59 0.25 -0.09
H113 GPI B . 11.51 -0.96 -0.77
N GLY A 1 -3.60 -12.72 3.40
CA GLY A 1 -4.41 -11.77 2.65
C GLY A 1 -3.90 -10.39 3.04
N VAL A 2 -4.74 -9.36 2.83
CA VAL A 2 -4.48 -7.98 3.22
C VAL A 2 -5.74 -7.63 4.02
N GLN A 3 -5.56 -6.88 5.06
CA GLN A 3 -6.62 -6.42 5.93
C GLN A 3 -6.57 -4.89 5.75
N VAL A 4 -7.68 -4.23 5.49
CA VAL A 4 -7.74 -2.80 5.21
C VAL A 4 -8.42 -2.21 6.47
N GLU A 5 -7.77 -1.35 7.23
CA GLU A 5 -8.40 -0.74 8.38
C GLU A 5 -8.36 0.75 8.11
N THR A 6 -9.47 1.46 8.13
CA THR A 6 -9.50 2.90 7.82
C THR A 6 -8.96 3.83 8.93
N ILE A 7 -8.22 4.86 8.54
CA ILE A 7 -7.75 5.96 9.39
C ILE A 7 -8.69 7.16 9.09
N SER A 8 -8.90 7.55 7.83
CA SER A 8 -9.81 8.63 7.49
C SER A 8 -10.57 8.17 6.23
N PRO A 9 -11.87 8.44 6.17
CA PRO A 9 -12.73 7.99 5.07
C PRO A 9 -12.40 8.69 3.77
N GLY A 10 -12.73 8.02 2.67
CA GLY A 10 -12.58 8.54 1.32
C GLY A 10 -13.94 9.05 0.82
N ASP A 11 -14.21 9.24 -0.46
CA ASP A 11 -15.51 9.78 -0.85
C ASP A 11 -16.63 8.72 -0.91
N GLY A 12 -16.21 7.45 -0.79
CA GLY A 12 -17.17 6.33 -0.88
C GLY A 12 -17.68 6.08 -2.27
N ARG A 13 -17.16 6.67 -3.34
CA ARG A 13 -17.71 6.42 -4.68
C ARG A 13 -16.64 6.23 -5.77
N THR A 14 -15.43 6.80 -5.64
CA THR A 14 -14.39 6.73 -6.69
C THR A 14 -13.31 5.74 -6.27
N PHE A 15 -13.49 4.49 -6.75
CA PHE A 15 -12.55 3.40 -6.45
C PHE A 15 -11.68 3.11 -7.68
N PRO A 16 -10.40 2.80 -7.52
CA PRO A 16 -9.48 2.63 -8.65
C PRO A 16 -9.84 1.41 -9.46
N LYS A 17 -9.60 1.52 -10.75
CA LYS A 17 -9.91 0.49 -11.71
C LYS A 17 -8.62 0.12 -12.40
N ARG A 18 -8.55 -1.09 -12.94
CA ARG A 18 -7.43 -1.55 -13.72
C ARG A 18 -7.06 -0.57 -14.87
N GLY A 19 -5.79 -0.24 -14.95
CA GLY A 19 -5.35 0.68 -15.94
C GLY A 19 -5.27 2.10 -15.43
N GLN A 20 -5.83 2.42 -14.29
CA GLN A 20 -5.66 3.75 -13.72
C GLN A 20 -4.42 3.87 -12.89
N THR A 21 -3.88 5.08 -12.87
CA THR A 21 -2.74 5.39 -12.02
C THR A 21 -3.18 5.91 -10.64
N CYS A 22 -2.78 5.20 -9.59
CA CYS A 22 -3.05 5.60 -8.22
C CYS A 22 -1.89 6.41 -7.67
N VAL A 23 -2.20 7.54 -7.08
CA VAL A 23 -1.21 8.51 -6.61
C VAL A 23 -1.39 8.41 -5.11
N VAL A 24 -0.40 7.88 -4.39
CA VAL A 24 -0.60 7.62 -2.98
C VAL A 24 0.52 8.19 -2.12
N HIS A 25 0.22 8.49 -0.87
CA HIS A 25 1.33 8.70 0.04
C HIS A 25 1.39 7.45 0.90
N TYR A 26 2.59 6.98 1.31
CA TYR A 26 2.64 5.79 2.15
C TYR A 26 3.78 5.85 3.16
N THR A 27 3.64 5.11 4.26
CA THR A 27 4.73 4.83 5.21
C THR A 27 4.61 3.33 5.43
N GLY A 28 5.64 2.58 5.15
CA GLY A 28 5.67 1.13 5.34
C GLY A 28 6.43 0.81 6.62
N MET A 29 5.84 -0.05 7.44
CA MET A 29 6.36 -0.50 8.72
C MET A 29 6.26 -2.03 8.83
N LEU A 30 7.19 -2.53 9.62
CA LEU A 30 7.27 -3.90 10.05
C LEU A 30 6.28 -4.05 11.20
N GLU A 31 5.87 -5.25 11.66
CA GLU A 31 4.93 -5.37 12.76
C GLU A 31 5.31 -4.75 14.09
N ASP A 32 6.59 -4.51 14.30
CA ASP A 32 7.02 -3.87 15.53
C ASP A 32 7.02 -2.34 15.48
N GLY A 33 6.52 -1.72 14.37
CA GLY A 33 6.46 -0.27 14.23
C GLY A 33 7.65 0.32 13.48
N LYS A 34 8.69 -0.43 13.24
CA LYS A 34 9.86 0.09 12.57
C LYS A 34 9.51 0.46 11.11
N LYS A 35 9.78 1.71 10.77
CA LYS A 35 9.55 2.24 9.45
C LYS A 35 10.66 1.76 8.57
N PHE A 36 10.34 1.23 7.41
CA PHE A 36 11.39 0.87 6.46
C PHE A 36 11.41 1.84 5.29
N ASP A 37 10.33 2.58 5.06
CA ASP A 37 10.30 3.59 3.97
C ASP A 37 9.03 4.41 4.05
N SER A 38 9.04 5.64 3.51
CA SER A 38 7.89 6.56 3.49
C SER A 38 8.05 7.60 2.39
N SER A 39 7.04 7.76 1.53
CA SER A 39 7.10 8.81 0.53
C SER A 39 6.83 10.17 1.20
N ARG A 40 6.18 10.11 2.38
CA ARG A 40 5.87 11.31 3.12
C ARG A 40 7.22 11.95 3.53
N ASP A 41 8.26 11.18 3.85
CA ASP A 41 9.57 11.75 4.15
C ASP A 41 10.20 12.37 2.90
N ARG A 42 9.88 11.87 1.70
CA ARG A 42 10.41 12.49 0.49
C ARG A 42 9.49 13.61 -0.03
N ASN A 43 8.28 13.73 0.55
CA ASN A 43 7.30 14.72 0.18
C ASN A 43 6.96 14.64 -1.31
N LYS A 44 6.95 13.46 -1.90
CA LYS A 44 6.60 13.30 -3.30
C LYS A 44 5.75 12.02 -3.32
N PRO A 45 4.48 12.05 -3.76
CA PRO A 45 3.59 10.89 -3.81
C PRO A 45 4.18 9.81 -4.69
N PHE A 46 3.83 8.55 -4.39
CA PHE A 46 4.32 7.46 -5.19
C PHE A 46 3.23 7.15 -6.22
N LYS A 47 3.55 6.88 -7.47
CA LYS A 47 2.51 6.54 -8.44
C LYS A 47 2.64 5.07 -8.88
N PHE A 48 1.55 4.31 -8.99
CA PHE A 48 1.62 3.01 -9.63
C PHE A 48 0.35 2.81 -10.42
N MET A 49 0.34 2.06 -11.53
CA MET A 49 -0.88 1.69 -12.26
C MET A 49 -1.41 0.37 -11.76
N LEU A 50 -2.68 0.40 -11.39
CA LEU A 50 -3.41 -0.76 -10.96
C LEU A 50 -3.51 -1.78 -12.08
N GLY A 51 -3.16 -3.03 -11.75
CA GLY A 51 -3.26 -4.16 -12.65
C GLY A 51 -2.04 -4.38 -13.51
N LYS A 52 -1.04 -3.50 -13.43
CA LYS A 52 0.14 -3.68 -14.23
C LYS A 52 1.19 -4.62 -13.65
N GLN A 53 0.97 -5.16 -12.45
CA GLN A 53 1.88 -6.09 -11.80
C GLN A 53 3.24 -5.49 -11.44
N GLU A 54 3.23 -4.23 -10.99
CA GLU A 54 4.48 -3.62 -10.61
C GLU A 54 4.61 -3.30 -9.13
N VAL A 55 3.59 -3.57 -8.34
CA VAL A 55 3.64 -3.48 -6.89
C VAL A 55 3.29 -4.85 -6.30
N ILE A 56 3.42 -5.03 -4.99
CA ILE A 56 3.15 -6.30 -4.37
C ILE A 56 1.64 -6.57 -4.38
N ARG A 57 1.30 -7.88 -4.39
CA ARG A 57 -0.10 -8.31 -4.48
C ARG A 57 -0.99 -7.75 -3.38
N GLY A 58 -0.59 -7.56 -2.14
CA GLY A 58 -1.45 -6.99 -1.12
C GLY A 58 -1.78 -5.51 -1.41
N TRP A 59 -0.94 -4.80 -2.20
CA TRP A 59 -1.25 -3.42 -2.65
C TRP A 59 -2.30 -3.41 -3.76
N GLU A 60 -2.11 -4.15 -4.86
CA GLU A 60 -3.13 -4.30 -5.93
C GLU A 60 -4.52 -4.60 -5.34
N GLU A 61 -4.52 -5.51 -4.37
CA GLU A 61 -5.76 -5.90 -3.69
C GLU A 61 -6.24 -4.91 -2.66
N GLY A 62 -5.35 -4.25 -1.94
CA GLY A 62 -5.79 -3.39 -0.89
C GLY A 62 -6.18 -2.00 -1.32
N VAL A 63 -5.34 -1.40 -2.16
CA VAL A 63 -5.65 -0.08 -2.61
C VAL A 63 -6.90 -0.12 -3.52
N ALA A 64 -7.22 -1.22 -4.21
CA ALA A 64 -8.44 -1.30 -5.00
C ALA A 64 -9.70 -1.19 -4.14
N GLN A 65 -9.55 -1.45 -2.84
CA GLN A 65 -10.65 -1.31 -1.90
C GLN A 65 -10.80 0.10 -1.40
N MET A 66 -10.00 1.07 -1.82
CA MET A 66 -10.02 2.39 -1.22
C MET A 66 -10.65 3.36 -2.19
N SER A 67 -11.41 4.32 -1.66
CA SER A 67 -11.98 5.41 -2.43
C SER A 67 -11.08 6.64 -2.36
N VAL A 68 -11.11 7.53 -3.33
CA VAL A 68 -10.27 8.71 -3.31
C VAL A 68 -10.53 9.51 -2.05
N GLY A 69 -9.42 9.84 -1.39
CA GLY A 69 -9.40 10.61 -0.17
C GLY A 69 -9.13 9.75 1.07
N GLN A 70 -9.22 8.42 0.93
CA GLN A 70 -9.16 7.58 2.08
C GLN A 70 -7.75 7.28 2.50
N ARG A 71 -7.60 7.18 3.82
CA ARG A 71 -6.32 6.87 4.46
C ARG A 71 -6.66 5.65 5.29
N ALA A 72 -5.88 4.61 5.02
CA ALA A 72 -6.04 3.31 5.64
C ALA A 72 -4.73 2.58 5.95
N LYS A 73 -4.79 1.67 6.90
CA LYS A 73 -3.69 0.79 7.25
C LYS A 73 -3.91 -0.57 6.63
N LEU A 74 -2.98 -1.04 5.82
CA LEU A 74 -3.11 -2.29 5.11
C LEU A 74 -2.18 -3.28 5.80
N THR A 75 -2.66 -4.34 6.43
CA THR A 75 -1.76 -5.35 7.03
C THR A 75 -1.68 -6.51 6.01
N ILE A 76 -0.49 -6.82 5.52
CA ILE A 76 -0.30 -7.70 4.38
C ILE A 76 0.54 -8.90 4.83
N SER A 77 -0.01 -10.11 4.64
CA SER A 77 0.69 -11.33 4.96
C SER A 77 1.91 -11.52 4.05
N PRO A 78 2.97 -12.24 4.43
CA PRO A 78 4.16 -12.40 3.61
C PRO A 78 3.89 -12.96 2.24
N ASP A 79 2.92 -13.87 2.09
CA ASP A 79 2.64 -14.44 0.80
C ASP A 79 2.01 -13.47 -0.19
N TYR A 80 1.54 -12.32 0.34
CA TYR A 80 0.98 -11.21 -0.40
C TYR A 80 1.95 -10.05 -0.49
N ALA A 81 3.18 -10.30 -0.12
CA ALA A 81 4.21 -9.27 -0.10
C ALA A 81 5.45 -9.92 -0.67
N TYR A 82 6.58 -10.09 0.07
CA TYR A 82 7.86 -10.58 -0.44
C TYR A 82 8.20 -12.06 -0.11
N GLY A 83 7.22 -12.76 0.55
CA GLY A 83 7.28 -14.17 0.80
C GLY A 83 8.52 -14.53 1.59
N ALA A 84 9.10 -15.62 1.12
CA ALA A 84 10.28 -16.16 1.76
C ALA A 84 11.53 -15.43 1.29
N THR A 85 11.53 -14.70 0.16
CA THR A 85 12.72 -13.95 -0.19
C THR A 85 12.92 -12.72 0.69
N GLY A 86 11.84 -11.99 0.95
CA GLY A 86 11.99 -10.70 1.61
C GLY A 86 12.59 -9.72 0.59
N HIS A 87 13.04 -8.55 0.97
CA HIS A 87 13.62 -7.64 0.00
C HIS A 87 15.03 -7.45 0.48
N PRO A 88 16.10 -7.89 -0.23
CA PRO A 88 17.48 -8.01 0.27
C PRO A 88 17.89 -6.73 1.01
N GLY A 89 18.26 -6.98 2.28
CA GLY A 89 18.65 -5.93 3.20
C GLY A 89 17.51 -5.14 3.89
N ILE A 90 16.29 -5.00 3.32
CA ILE A 90 15.25 -4.18 3.93
C ILE A 90 14.16 -4.96 4.63
N ILE A 91 13.59 -5.97 3.97
CA ILE A 91 12.47 -6.71 4.56
C ILE A 91 13.06 -8.09 4.81
N PRO A 92 12.91 -8.73 5.98
CA PRO A 92 13.30 -10.13 6.24
C PRO A 92 12.45 -11.13 5.46
N PRO A 93 12.87 -12.40 5.32
CA PRO A 93 11.98 -13.48 4.92
C PRO A 93 10.79 -13.57 5.88
N HIS A 94 9.65 -13.91 5.27
CA HIS A 94 8.40 -14.22 5.96
C HIS A 94 7.84 -13.06 6.76
N ALA A 95 8.12 -11.80 6.39
CA ALA A 95 7.63 -10.64 7.14
C ALA A 95 6.17 -10.18 6.86
N THR A 96 5.32 -9.91 7.86
CA THR A 96 4.04 -9.25 7.66
C THR A 96 4.33 -7.73 7.56
N LEU A 97 3.78 -7.05 6.56
CA LEU A 97 4.07 -5.65 6.37
C LEU A 97 2.84 -4.80 6.72
N VAL A 98 3.05 -3.61 7.24
CA VAL A 98 1.98 -2.76 7.64
C VAL A 98 2.19 -1.50 6.85
N PHE A 99 1.24 -1.08 6.00
CA PHE A 99 1.42 0.14 5.25
C PHE A 99 0.32 1.15 5.66
N ASP A 100 0.69 2.40 5.85
CA ASP A 100 -0.22 3.50 6.11
C ASP A 100 -0.22 4.14 4.74
N VAL A 101 -1.37 4.06 4.10
CA VAL A 101 -1.55 4.47 2.71
C VAL A 101 -2.71 5.46 2.57
N GLU A 102 -2.49 6.55 1.85
CA GLU A 102 -3.51 7.54 1.63
C GLU A 102 -3.69 7.61 0.14
N LEU A 103 -4.90 7.36 -0.35
CA LEU A 103 -5.13 7.43 -1.79
C LEU A 103 -5.52 8.88 -2.13
N LEU A 104 -4.60 9.55 -2.79
CA LEU A 104 -4.71 10.99 -3.05
C LEU A 104 -5.51 11.37 -4.29
N LYS A 105 -5.23 10.61 -5.36
CA LYS A 105 -5.70 11.01 -6.67
C LYS A 105 -5.66 9.81 -7.61
N LEU A 106 -6.50 9.79 -8.66
CA LEU A 106 -6.42 8.80 -9.72
C LEU A 106 -6.19 9.59 -10.98
N GLU A 107 -5.22 9.10 -11.73
CA GLU A 107 -4.84 9.71 -12.99
C GLU A 107 -4.91 8.68 -14.12
C2 GPI B . 5.61 -0.63 -2.93
N6 GPI B . 6.86 -0.30 -2.09
C5 GPI B . 7.13 1.20 -2.31
C3 GPI B . 5.43 0.53 -3.90
C4 GPI B . 6.01 1.73 -3.20
C1 GPI B . 5.86 -1.93 -3.72
O1 GPI B . 4.93 -2.48 -4.31
O2 GPI B . 7.11 -2.45 -3.77
C14 GPI B . 7.48 -2.75 -5.13
C15 GPI B . 9.00 -2.60 -5.31
C16 GPI B . 9.43 -3.20 -6.66
N19 GPI B . 10.08 -6.77 -5.40
C20 GPI B . 9.50 -7.55 -6.43
C21 GPI B . 8.89 -6.92 -7.53
C22 GPI B . 8.86 -5.51 -7.59
C17 GPI B . 9.44 -4.73 -6.57
C18 GPI B . 10.06 -5.37 -5.48
C7 GPI B . 7.55 -1.13 -1.34
O7 GPI B . 7.22 -2.31 -1.26
C8 GPI B . 8.78 -0.62 -0.56
O8 GPI B . 8.64 -0.16 0.57
C9 GPI B . 10.19 -0.68 -1.19
C12 GPI B . 10.98 0.57 -0.78
C13 GPI B . 10.07 -0.73 -2.72
C10 GPI B . 10.92 -1.94 -0.69
C11 GPI B . 11.04 -1.88 0.85
H2 GPI B . 4.81 -0.74 -2.19
H51 GPI B . 7.19 1.74 -1.35
H52 GPI B . 8.11 1.34 -2.81
H31 GPI B . 4.36 0.68 -4.13
H32 GPI B . 5.92 0.32 -4.87
H41 GPI B . 5.22 2.18 -2.55
H42 GPI B . 6.36 2.51 -3.90
H141 GPI B . 6.97 -2.07 -5.82
H142 GPI B . 7.18 -3.78 -5.37
H151 GPI B . 9.26 -1.55 -5.27
H152 GPI B . 9.51 -3.14 -4.50
H161 GPI B . 8.71 -2.89 -7.43
H162 GPI B . 10.42 -2.82 -6.92
H20 GPI B . 9.52 -8.63 -6.36
H21 GPI B . 8.44 -7.51 -8.31
H22 GPI B . 8.39 -5.02 -8.44
H18 GPI B . 10.51 -4.77 -4.69
H121 GPI B . 10.32 1.29 -0.34
H122 GPI B . 11.73 0.29 -0.05
H123 GPI B . 11.45 1.00 -1.64
H131 GPI B . 9.12 -0.31 -3.04
H132 GPI B . 10.87 -0.14 -3.16
H133 GPI B . 10.15 -1.76 -3.07
H101 GPI B . 10.37 -2.82 -0.98
H102 GPI B . 11.92 -1.97 -1.13
H111 GPI B . 10.35 -2.58 1.28
H112 GPI B . 12.04 -2.16 1.13
H113 GPI B . 10.82 -0.90 1.19
N GLY A 1 -3.60 -12.72 3.40
CA GLY A 1 -4.41 -11.77 2.65
C GLY A 1 -3.90 -10.39 3.04
N VAL A 2 -4.74 -9.36 2.83
CA VAL A 2 -4.48 -7.98 3.22
C VAL A 2 -5.74 -7.63 4.02
N GLN A 3 -5.56 -6.88 5.06
CA GLN A 3 -6.62 -6.42 5.93
C GLN A 3 -6.57 -4.89 5.75
N VAL A 4 -7.68 -4.23 5.49
CA VAL A 4 -7.74 -2.80 5.21
C VAL A 4 -8.42 -2.21 6.47
N GLU A 5 -7.77 -1.35 7.23
CA GLU A 5 -8.39 -0.73 8.39
C GLU A 5 -8.36 0.75 8.11
N THR A 6 -9.47 1.46 8.13
CA THR A 6 -9.50 2.90 7.82
C THR A 6 -8.96 3.83 8.93
N ILE A 7 -8.22 4.86 8.54
CA ILE A 7 -7.75 5.96 9.39
C ILE A 7 -8.69 7.16 9.09
N SER A 8 -8.90 7.55 7.83
CA SER A 8 -9.81 8.63 7.49
C SER A 8 -10.57 8.17 6.23
N PRO A 9 -11.87 8.44 6.17
CA PRO A 9 -12.73 7.99 5.07
C PRO A 9 -12.40 8.69 3.77
N GLY A 10 -12.73 8.02 2.67
CA GLY A 10 -12.58 8.54 1.32
C GLY A 10 -13.94 9.05 0.82
N ASP A 11 -14.20 9.23 -0.46
CA ASP A 11 -15.51 9.78 -0.85
C ASP A 11 -16.63 8.72 -0.91
N GLY A 12 -16.21 7.45 -0.79
CA GLY A 12 -17.17 6.33 -0.88
C GLY A 12 -17.68 6.08 -2.27
N ARG A 13 -17.16 6.67 -3.34
CA ARG A 13 -17.71 6.42 -4.68
C ARG A 13 -16.64 6.23 -5.77
N THR A 14 -15.43 6.80 -5.64
CA THR A 14 -14.39 6.73 -6.69
C THR A 14 -13.31 5.74 -6.28
N PHE A 15 -13.49 4.49 -6.75
CA PHE A 15 -12.55 3.40 -6.45
C PHE A 15 -11.68 3.11 -7.68
N PRO A 16 -10.40 2.80 -7.52
CA PRO A 16 -9.48 2.63 -8.65
C PRO A 16 -9.84 1.41 -9.46
N LYS A 17 -9.60 1.52 -10.75
CA LYS A 17 -9.91 0.49 -11.71
C LYS A 17 -8.62 0.12 -12.40
N ARG A 18 -8.56 -1.09 -12.95
CA ARG A 18 -7.43 -1.55 -13.72
C ARG A 18 -7.06 -0.57 -14.87
N GLY A 19 -5.79 -0.24 -14.95
CA GLY A 19 -5.35 0.68 -15.94
C GLY A 19 -5.27 2.10 -15.43
N GLN A 20 -5.83 2.42 -14.29
CA GLN A 20 -5.66 3.75 -13.72
C GLN A 20 -4.42 3.87 -12.89
N THR A 21 -3.88 5.08 -12.87
CA THR A 21 -2.74 5.39 -12.02
C THR A 21 -3.18 5.91 -10.64
N CYS A 22 -2.78 5.20 -9.59
CA CYS A 22 -3.05 5.60 -8.22
C CYS A 22 -1.89 6.41 -7.67
N VAL A 23 -2.20 7.54 -7.08
CA VAL A 23 -1.21 8.51 -6.61
C VAL A 23 -1.39 8.41 -5.11
N VAL A 24 -0.40 7.88 -4.39
CA VAL A 24 -0.60 7.62 -2.98
C VAL A 24 0.52 8.19 -2.12
N HIS A 25 0.22 8.49 -0.87
CA HIS A 25 1.32 8.70 0.04
C HIS A 25 1.39 7.45 0.90
N TYR A 26 2.59 6.98 1.31
CA TYR A 26 2.64 5.79 2.15
C TYR A 26 3.79 5.86 3.17
N THR A 27 3.64 5.11 4.26
CA THR A 27 4.73 4.83 5.21
C THR A 27 4.60 3.34 5.44
N GLY A 28 5.64 2.58 5.15
CA GLY A 28 5.67 1.13 5.34
C GLY A 28 6.43 0.81 6.62
N MET A 29 5.84 -0.05 7.44
CA MET A 29 6.36 -0.51 8.72
C MET A 29 6.26 -2.03 8.83
N LEU A 30 7.19 -2.53 9.62
CA LEU A 30 7.27 -3.90 10.05
C LEU A 30 6.28 -4.05 11.20
N GLU A 31 5.87 -5.25 11.66
CA GLU A 31 4.93 -5.37 12.76
C GLU A 31 5.31 -4.75 14.09
N ASP A 32 6.59 -4.51 14.30
CA ASP A 32 7.02 -3.87 15.54
C ASP A 32 7.02 -2.34 15.48
N GLY A 33 6.52 -1.72 14.37
CA GLY A 33 6.46 -0.27 14.23
C GLY A 33 7.65 0.33 13.48
N LYS A 34 8.69 -0.43 13.24
CA LYS A 34 9.86 0.09 12.57
C LYS A 34 9.51 0.46 11.11
N LYS A 35 9.78 1.71 10.77
CA LYS A 35 9.55 2.24 9.45
C LYS A 35 10.66 1.76 8.57
N PHE A 36 10.34 1.23 7.41
CA PHE A 36 11.39 0.87 6.46
C PHE A 36 11.41 1.84 5.29
N ASP A 37 10.33 2.58 5.06
CA ASP A 37 10.29 3.59 3.97
C ASP A 37 9.03 4.41 4.05
N SER A 38 9.04 5.64 3.51
CA SER A 38 7.89 6.56 3.49
C SER A 38 8.05 7.60 2.39
N SER A 39 7.04 7.76 1.53
CA SER A 39 7.10 8.81 0.53
C SER A 39 6.83 10.17 1.20
N ARG A 40 6.18 10.11 2.38
CA ARG A 40 5.87 11.31 3.12
C ARG A 40 7.22 11.95 3.53
N ASP A 41 8.26 11.18 3.85
CA ASP A 41 9.57 11.75 4.15
C ASP A 41 10.20 12.37 2.90
N ARG A 42 9.88 11.87 1.70
CA ARG A 42 10.41 12.49 0.49
C ARG A 42 9.49 13.61 -0.03
N ASN A 43 8.28 13.73 0.55
CA ASN A 43 7.30 14.72 0.18
C ASN A 43 6.96 14.64 -1.32
N LYS A 44 6.95 13.46 -1.90
CA LYS A 44 6.60 13.30 -3.30
C LYS A 44 5.75 12.02 -3.32
N PRO A 45 4.48 12.05 -3.77
CA PRO A 45 3.59 10.89 -3.81
C PRO A 45 4.18 9.80 -4.69
N PHE A 46 3.83 8.55 -4.39
CA PHE A 46 4.32 7.46 -5.19
C PHE A 46 3.24 7.15 -6.21
N LYS A 47 3.55 6.88 -7.47
CA LYS A 47 2.51 6.54 -8.44
C LYS A 47 2.64 5.07 -8.88
N PHE A 48 1.55 4.31 -8.99
CA PHE A 48 1.62 3.01 -9.63
C PHE A 48 0.35 2.81 -10.42
N MET A 49 0.34 2.06 -11.53
CA MET A 49 -0.88 1.69 -12.26
C MET A 49 -1.41 0.36 -11.76
N LEU A 50 -2.68 0.40 -11.39
CA LEU A 50 -3.41 -0.76 -10.96
C LEU A 50 -3.51 -1.78 -12.07
N GLY A 51 -3.16 -3.03 -11.75
CA GLY A 51 -3.26 -4.16 -12.65
C GLY A 51 -2.04 -4.38 -13.51
N LYS A 52 -1.04 -3.50 -13.43
CA LYS A 52 0.14 -3.68 -14.23
C LYS A 52 1.19 -4.62 -13.65
N GLN A 53 0.97 -5.16 -12.45
CA GLN A 53 1.88 -6.09 -11.80
C GLN A 53 3.24 -5.49 -11.44
N GLU A 54 3.23 -4.23 -10.99
CA GLU A 54 4.48 -3.62 -10.61
C GLU A 54 4.61 -3.30 -9.13
N VAL A 55 3.58 -3.58 -8.33
CA VAL A 55 3.64 -3.47 -6.89
C VAL A 55 3.29 -4.85 -6.30
N ILE A 56 3.42 -5.03 -4.99
CA ILE A 56 3.15 -6.30 -4.37
C ILE A 56 1.64 -6.57 -4.38
N ARG A 57 1.30 -7.88 -4.39
CA ARG A 57 -0.10 -8.31 -4.48
C ARG A 57 -0.99 -7.75 -3.38
N GLY A 58 -0.59 -7.56 -2.14
CA GLY A 58 -1.45 -6.99 -1.12
C GLY A 58 -1.78 -5.51 -1.41
N TRP A 59 -0.94 -4.80 -2.20
CA TRP A 59 -1.24 -3.42 -2.64
C TRP A 59 -2.30 -3.41 -3.76
N GLU A 60 -2.12 -4.15 -4.87
CA GLU A 60 -3.13 -4.30 -5.93
C GLU A 60 -4.52 -4.60 -5.34
N GLU A 61 -4.52 -5.51 -4.37
CA GLU A 61 -5.76 -5.90 -3.69
C GLU A 61 -6.24 -4.91 -2.66
N GLY A 62 -5.35 -4.25 -1.94
CA GLY A 62 -5.79 -3.39 -0.89
C GLY A 62 -6.18 -2.00 -1.32
N VAL A 63 -5.34 -1.40 -2.16
CA VAL A 63 -5.65 -0.08 -2.61
C VAL A 63 -6.90 -0.12 -3.52
N ALA A 64 -7.22 -1.22 -4.21
CA ALA A 64 -8.44 -1.30 -5.00
C ALA A 64 -9.70 -1.19 -4.14
N GLN A 65 -9.55 -1.45 -2.84
CA GLN A 65 -10.65 -1.31 -1.90
C GLN A 65 -10.80 0.10 -1.40
N MET A 66 -10.00 1.07 -1.82
CA MET A 66 -10.02 2.39 -1.22
C MET A 66 -10.65 3.36 -2.19
N SER A 67 -11.41 4.32 -1.66
CA SER A 67 -11.98 5.41 -2.43
C SER A 67 -11.08 6.64 -2.36
N VAL A 68 -11.11 7.53 -3.33
CA VAL A 68 -10.27 8.71 -3.31
C VAL A 68 -10.53 9.51 -2.05
N GLY A 69 -9.42 9.84 -1.39
CA GLY A 69 -9.40 10.61 -0.17
C GLY A 69 -9.13 9.75 1.07
N GLN A 70 -9.22 8.42 0.93
CA GLN A 70 -9.16 7.58 2.08
C GLN A 70 -7.75 7.28 2.50
N ARG A 71 -7.60 7.18 3.82
CA ARG A 71 -6.32 6.87 4.46
C ARG A 71 -6.66 5.65 5.29
N ALA A 72 -5.87 4.61 5.02
CA ALA A 72 -6.04 3.31 5.64
C ALA A 72 -4.73 2.58 5.95
N LYS A 73 -4.79 1.67 6.90
CA LYS A 73 -3.69 0.79 7.25
C LYS A 73 -3.91 -0.57 6.63
N LEU A 74 -2.98 -1.04 5.82
CA LEU A 74 -3.11 -2.29 5.11
C LEU A 74 -2.18 -3.28 5.80
N THR A 75 -2.66 -4.35 6.44
CA THR A 75 -1.76 -5.35 7.03
C THR A 75 -1.68 -6.51 6.01
N ILE A 76 -0.49 -6.82 5.52
CA ILE A 76 -0.30 -7.70 4.38
C ILE A 76 0.54 -8.90 4.83
N SER A 77 -0.01 -10.11 4.64
CA SER A 77 0.70 -11.34 4.96
C SER A 77 1.91 -11.52 4.05
N PRO A 78 2.97 -12.24 4.43
CA PRO A 78 4.16 -12.40 3.61
C PRO A 78 3.89 -12.95 2.23
N ASP A 79 2.92 -13.87 2.09
CA ASP A 79 2.64 -14.44 0.80
C ASP A 79 2.01 -13.47 -0.19
N TYR A 80 1.54 -12.32 0.34
CA TYR A 80 0.98 -11.21 -0.40
C TYR A 80 1.95 -10.05 -0.49
N ALA A 81 3.18 -10.30 -0.12
CA ALA A 81 4.21 -9.27 -0.10
C ALA A 81 5.45 -9.92 -0.67
N TYR A 82 6.58 -10.09 0.07
CA TYR A 82 7.86 -10.58 -0.44
C TYR A 82 8.20 -12.06 -0.11
N GLY A 83 7.23 -12.75 0.55
CA GLY A 83 7.28 -14.17 0.80
C GLY A 83 8.52 -14.53 1.59
N ALA A 84 9.10 -15.62 1.12
CA ALA A 84 10.28 -16.16 1.76
C ALA A 84 11.53 -15.43 1.29
N THR A 85 11.53 -14.70 0.16
CA THR A 85 12.72 -13.95 -0.19
C THR A 85 12.92 -12.72 0.69
N GLY A 86 11.84 -11.99 0.95
CA GLY A 86 11.99 -10.70 1.61
C GLY A 86 12.59 -9.72 0.59
N HIS A 87 13.04 -8.55 0.97
CA HIS A 87 13.62 -7.64 0.00
C HIS A 87 15.03 -7.45 0.48
N PRO A 88 16.10 -7.89 -0.23
CA PRO A 88 17.48 -8.01 0.27
C PRO A 88 17.89 -6.73 1.01
N GLY A 89 18.26 -6.98 2.28
CA GLY A 89 18.65 -5.93 3.20
C GLY A 89 17.51 -5.14 3.89
N ILE A 90 16.29 -5.00 3.32
CA ILE A 90 15.25 -4.18 3.93
C ILE A 90 14.16 -4.96 4.63
N ILE A 91 13.59 -5.97 3.97
CA ILE A 91 12.47 -6.71 4.56
C ILE A 91 13.06 -8.09 4.81
N PRO A 92 12.91 -8.73 5.98
CA PRO A 92 13.30 -10.13 6.24
C PRO A 92 12.45 -11.13 5.46
N PRO A 93 12.87 -12.40 5.32
CA PRO A 93 11.98 -13.48 4.92
C PRO A 93 10.79 -13.57 5.88
N HIS A 94 9.65 -13.91 5.27
CA HIS A 94 8.40 -14.22 5.97
C HIS A 94 7.84 -13.06 6.76
N ALA A 95 8.11 -11.81 6.40
CA ALA A 95 7.62 -10.64 7.13
C ALA A 95 6.17 -10.18 6.86
N THR A 96 5.32 -9.91 7.86
CA THR A 96 4.04 -9.25 7.66
C THR A 96 4.33 -7.73 7.56
N LEU A 97 3.78 -7.05 6.56
CA LEU A 97 4.06 -5.65 6.36
C LEU A 97 2.84 -4.80 6.72
N VAL A 98 3.05 -3.61 7.24
CA VAL A 98 1.98 -2.76 7.64
C VAL A 98 2.19 -1.50 6.85
N PHE A 99 1.25 -1.09 6.00
CA PHE A 99 1.42 0.14 5.25
C PHE A 99 0.32 1.15 5.66
N ASP A 100 0.69 2.40 5.85
CA ASP A 100 -0.22 3.50 6.11
C ASP A 100 -0.22 4.14 4.74
N VAL A 101 -1.37 4.06 4.10
CA VAL A 101 -1.55 4.47 2.71
C VAL A 101 -2.71 5.46 2.57
N GLU A 102 -2.49 6.55 1.85
CA GLU A 102 -3.51 7.54 1.63
C GLU A 102 -3.69 7.61 0.14
N LEU A 103 -4.90 7.36 -0.35
CA LEU A 103 -5.13 7.43 -1.79
C LEU A 103 -5.52 8.88 -2.13
N LEU A 104 -4.60 9.55 -2.79
CA LEU A 104 -4.71 10.99 -3.05
C LEU A 104 -5.51 11.37 -4.29
N LYS A 105 -5.23 10.61 -5.36
CA LYS A 105 -5.70 11.01 -6.67
C LYS A 105 -5.66 9.81 -7.61
N LEU A 106 -6.50 9.79 -8.66
CA LEU A 106 -6.42 8.80 -9.72
C LEU A 106 -6.19 9.59 -10.98
N GLU A 107 -5.22 9.10 -11.73
CA GLU A 107 -4.84 9.71 -12.99
C GLU A 107 -4.91 8.68 -14.12
C2 GPI B . 6.05 -1.03 -3.69
N6 GPI B . 7.13 -0.45 -2.77
C5 GPI B . 6.34 0.19 -1.62
C3 GPI B . 4.89 -0.06 -3.58
C4 GPI B . 4.93 0.48 -2.15
C1 GPI B . 6.56 -1.05 -5.14
O1 GPI B . 7.03 -0.04 -5.64
O2 GPI B . 6.49 -2.20 -5.86
C14 GPI B . 7.49 -3.12 -5.42
C15 GPI B . 7.42 -4.39 -6.27
C16 GPI B . 8.83 -4.75 -6.77
N19 GPI B . 11.09 -7.26 -4.90
C20 GPI B . 10.23 -8.37 -4.75
C21 GPI B . 8.91 -8.30 -5.24
C22 GPI B . 8.47 -7.12 -5.89
C17 GPI B . 9.33 -6.02 -6.04
C18 GPI B . 10.64 -6.09 -5.54
C7 GPI B . 8.44 -0.49 -2.93
O7 GPI B . 8.93 -1.04 -3.92
C8 GPI B . 9.36 0.16 -1.89
O8 GPI B . 9.29 1.36 -1.65
C9 GPI B . 10.39 -0.70 -1.14
C12 GPI B . 11.04 -1.69 -2.11
C13 GPI B . 9.68 -1.48 -0.02
C10 GPI B . 11.47 0.20 -0.52
C11 GPI B . 12.50 -0.67 0.23
H2 GPI B . 5.87 -2.03 -3.29
H51 GPI B . 6.34 -0.43 -0.71
H52 GPI B . 6.82 1.16 -1.33
H31 GPI B . 3.93 -0.58 -3.77
H32 GPI B . 4.95 0.74 -4.34
H41 GPI B . 4.20 -0.09 -1.53
H42 GPI B . 4.67 1.54 -2.09
H141 GPI B . 8.47 -2.66 -5.53
H142 GPI B . 7.31 -3.37 -4.37
H151 GPI B . 7.02 -5.21 -5.68
H152 GPI B . 6.77 -4.23 -7.13
H161 GPI B . 8.81 -4.94 -7.84
H162 GPI B . 9.51 -3.93 -6.56
H20 GPI B . 10.58 -9.26 -4.25
H21 GPI B . 8.25 -9.14 -5.13
H22 GPI B . 7.45 -7.07 -6.27
H18 GPI B . 11.31 -5.24 -5.66
H121 GPI B . 12.08 -1.81 -1.87
H122 GPI B . 10.55 -2.65 -2.02
H123 GPI B . 10.94 -1.33 -3.12
H131 GPI B . 9.86 -2.55 -0.14
H132 GPI B . 10.09 -1.17 0.96
H133 GPI B . 8.61 -1.28 -0.04
H101 GPI B . 11.97 0.75 -1.31
H102 GPI B . 11.01 0.90 0.18
H111 GPI B . 12.09 -1.64 0.40
H112 GPI B . 13.38 -0.76 -0.37
H113 GPI B . 12.74 -0.22 1.17
N GLY A 1 -3.60 -12.72 3.40
CA GLY A 1 -4.41 -11.77 2.65
C GLY A 1 -3.90 -10.39 3.04
N VAL A 2 -4.74 -9.36 2.83
CA VAL A 2 -4.48 -7.98 3.22
C VAL A 2 -5.74 -7.63 4.02
N GLN A 3 -5.56 -6.88 5.06
CA GLN A 3 -6.62 -6.42 5.93
C GLN A 3 -6.57 -4.89 5.75
N VAL A 4 -7.68 -4.23 5.49
CA VAL A 4 -7.74 -2.80 5.21
C VAL A 4 -8.42 -2.21 6.47
N GLU A 5 -7.77 -1.35 7.23
CA GLU A 5 -8.39 -0.73 8.39
C GLU A 5 -8.36 0.75 8.11
N THR A 6 -9.47 1.46 8.13
CA THR A 6 -9.50 2.90 7.82
C THR A 6 -8.96 3.83 8.93
N ILE A 7 -8.22 4.86 8.54
CA ILE A 7 -7.75 5.96 9.39
C ILE A 7 -8.69 7.16 9.09
N SER A 8 -8.90 7.55 7.83
CA SER A 8 -9.81 8.63 7.49
C SER A 8 -10.57 8.17 6.23
N PRO A 9 -11.87 8.44 6.17
CA PRO A 9 -12.73 7.99 5.07
C PRO A 9 -12.39 8.69 3.76
N GLY A 10 -12.73 8.02 2.67
CA GLY A 10 -12.58 8.54 1.32
C GLY A 10 -13.94 9.05 0.82
N ASP A 11 -14.20 9.23 -0.46
CA ASP A 11 -15.51 9.78 -0.85
C ASP A 11 -16.63 8.72 -0.91
N GLY A 12 -16.21 7.45 -0.79
CA GLY A 12 -17.17 6.33 -0.88
C GLY A 12 -17.68 6.08 -2.27
N ARG A 13 -17.16 6.67 -3.34
CA ARG A 13 -17.71 6.42 -4.68
C ARG A 13 -16.64 6.23 -5.77
N THR A 14 -15.43 6.80 -5.64
CA THR A 14 -14.39 6.73 -6.69
C THR A 14 -13.31 5.74 -6.28
N PHE A 15 -13.49 4.49 -6.75
CA PHE A 15 -12.55 3.40 -6.45
C PHE A 15 -11.68 3.11 -7.68
N PRO A 16 -10.40 2.80 -7.52
CA PRO A 16 -9.48 2.63 -8.65
C PRO A 16 -9.84 1.41 -9.46
N LYS A 17 -9.60 1.52 -10.75
CA LYS A 17 -9.91 0.49 -11.71
C LYS A 17 -8.62 0.12 -12.40
N ARG A 18 -8.56 -1.09 -12.95
CA ARG A 18 -7.43 -1.55 -13.72
C ARG A 18 -7.06 -0.57 -14.87
N GLY A 19 -5.79 -0.24 -14.95
CA GLY A 19 -5.35 0.68 -15.94
C GLY A 19 -5.27 2.10 -15.43
N GLN A 20 -5.83 2.42 -14.29
CA GLN A 20 -5.66 3.75 -13.72
C GLN A 20 -4.43 3.86 -12.88
N THR A 21 -3.88 5.08 -12.87
CA THR A 21 -2.74 5.39 -12.02
C THR A 21 -3.18 5.92 -10.64
N CYS A 22 -2.78 5.20 -9.59
CA CYS A 22 -3.05 5.60 -8.22
C CYS A 22 -1.89 6.41 -7.67
N VAL A 23 -2.20 7.54 -7.08
CA VAL A 23 -1.21 8.51 -6.61
C VAL A 23 -1.39 8.41 -5.11
N VAL A 24 -0.40 7.88 -4.39
CA VAL A 24 -0.60 7.62 -2.98
C VAL A 24 0.52 8.19 -2.12
N HIS A 25 0.22 8.49 -0.87
CA HIS A 25 1.32 8.70 0.04
C HIS A 25 1.39 7.45 0.90
N TYR A 26 2.59 6.98 1.31
CA TYR A 26 2.64 5.79 2.15
C TYR A 26 3.79 5.86 3.17
N THR A 27 3.65 5.11 4.27
CA THR A 27 4.73 4.83 5.21
C THR A 27 4.61 3.34 5.43
N GLY A 28 5.64 2.58 5.15
CA GLY A 28 5.67 1.13 5.34
C GLY A 28 6.43 0.81 6.62
N MET A 29 5.84 -0.05 7.44
CA MET A 29 6.36 -0.50 8.72
C MET A 29 6.26 -2.03 8.83
N LEU A 30 7.19 -2.53 9.62
CA LEU A 30 7.27 -3.90 10.05
C LEU A 30 6.28 -4.05 11.20
N GLU A 31 5.87 -5.25 11.66
CA GLU A 31 4.93 -5.37 12.76
C GLU A 31 5.31 -4.75 14.09
N ASP A 32 6.59 -4.51 14.30
CA ASP A 32 7.02 -3.87 15.53
C ASP A 32 7.02 -2.34 15.48
N GLY A 33 6.52 -1.72 14.37
CA GLY A 33 6.46 -0.27 14.23
C GLY A 33 7.65 0.33 13.48
N LYS A 34 8.69 -0.43 13.24
CA LYS A 34 9.86 0.09 12.57
C LYS A 34 9.51 0.46 11.11
N LYS A 35 9.78 1.71 10.77
CA LYS A 35 9.55 2.24 9.45
C LYS A 35 10.66 1.76 8.57
N PHE A 36 10.34 1.23 7.41
CA PHE A 36 11.39 0.87 6.46
C PHE A 36 11.41 1.84 5.29
N ASP A 37 10.33 2.58 5.06
CA ASP A 37 10.29 3.59 3.97
C ASP A 37 9.03 4.41 4.05
N SER A 38 9.04 5.64 3.51
CA SER A 38 7.89 6.56 3.49
C SER A 38 8.05 7.60 2.39
N SER A 39 7.04 7.76 1.53
CA SER A 39 7.10 8.81 0.53
C SER A 39 6.83 10.17 1.20
N ARG A 40 6.18 10.11 2.38
CA ARG A 40 5.87 11.31 3.12
C ARG A 40 7.22 11.95 3.53
N ASP A 41 8.26 11.18 3.85
CA ASP A 41 9.57 11.75 4.15
C ASP A 41 10.20 12.37 2.90
N ARG A 42 9.88 11.87 1.70
CA ARG A 42 10.41 12.49 0.49
C ARG A 42 9.49 13.61 -0.03
N ASN A 43 8.28 13.73 0.55
CA ASN A 43 7.30 14.72 0.18
C ASN A 43 6.96 14.64 -1.32
N LYS A 44 6.95 13.46 -1.90
CA LYS A 44 6.60 13.30 -3.30
C LYS A 44 5.75 12.02 -3.32
N PRO A 45 4.48 12.05 -3.76
CA PRO A 45 3.59 10.89 -3.81
C PRO A 45 4.18 9.81 -4.69
N PHE A 46 3.83 8.55 -4.39
CA PHE A 46 4.32 7.46 -5.19
C PHE A 46 3.23 7.15 -6.22
N LYS A 47 3.55 6.88 -7.47
CA LYS A 47 2.51 6.54 -8.44
C LYS A 47 2.64 5.07 -8.88
N PHE A 48 1.55 4.31 -8.99
CA PHE A 48 1.62 3.01 -9.63
C PHE A 48 0.35 2.81 -10.42
N MET A 49 0.34 2.06 -11.53
CA MET A 49 -0.88 1.69 -12.26
C MET A 49 -1.41 0.37 -11.76
N LEU A 50 -2.68 0.40 -11.39
CA LEU A 50 -3.41 -0.76 -10.95
C LEU A 50 -3.51 -1.78 -12.07
N GLY A 51 -3.16 -3.03 -11.75
CA GLY A 51 -3.26 -4.16 -12.65
C GLY A 51 -2.04 -4.38 -13.51
N LYS A 52 -1.04 -3.50 -13.43
CA LYS A 52 0.14 -3.68 -14.23
C LYS A 52 1.19 -4.62 -13.65
N GLN A 53 0.97 -5.16 -12.45
CA GLN A 53 1.88 -6.09 -11.80
C GLN A 53 3.24 -5.49 -11.44
N GLU A 54 3.23 -4.23 -10.99
CA GLU A 54 4.48 -3.62 -10.61
C GLU A 54 4.61 -3.30 -9.13
N VAL A 55 3.59 -3.57 -8.34
CA VAL A 55 3.64 -3.48 -6.89
C VAL A 55 3.29 -4.85 -6.30
N ILE A 56 3.42 -5.03 -4.99
CA ILE A 56 3.15 -6.31 -4.37
C ILE A 56 1.64 -6.57 -4.38
N ARG A 57 1.30 -7.88 -4.39
CA ARG A 57 -0.10 -8.31 -4.48
C ARG A 57 -0.99 -7.75 -3.38
N GLY A 58 -0.59 -7.56 -2.14
CA GLY A 58 -1.45 -6.99 -1.12
C GLY A 58 -1.78 -5.51 -1.41
N TRP A 59 -0.94 -4.80 -2.20
CA TRP A 59 -1.24 -3.42 -2.64
C TRP A 59 -2.30 -3.41 -3.76
N GLU A 60 -2.11 -4.15 -4.86
CA GLU A 60 -3.13 -4.30 -5.93
C GLU A 60 -4.52 -4.60 -5.34
N GLU A 61 -4.52 -5.51 -4.37
CA GLU A 61 -5.76 -5.90 -3.69
C GLU A 61 -6.24 -4.91 -2.66
N GLY A 62 -5.35 -4.25 -1.94
CA GLY A 62 -5.79 -3.39 -0.89
C GLY A 62 -6.18 -2.00 -1.32
N VAL A 63 -5.34 -1.40 -2.16
CA VAL A 63 -5.65 -0.08 -2.61
C VAL A 63 -6.90 -0.12 -3.52
N ALA A 64 -7.22 -1.22 -4.21
CA ALA A 64 -8.43 -1.29 -5.01
C ALA A 64 -9.70 -1.19 -4.14
N GLN A 65 -9.55 -1.45 -2.84
CA GLN A 65 -10.65 -1.31 -1.90
C GLN A 65 -10.80 0.10 -1.40
N MET A 66 -10.00 1.07 -1.82
CA MET A 66 -10.02 2.39 -1.22
C MET A 66 -10.65 3.36 -2.19
N SER A 67 -11.41 4.32 -1.66
CA SER A 67 -11.98 5.41 -2.43
C SER A 67 -11.08 6.64 -2.36
N VAL A 68 -11.11 7.53 -3.33
CA VAL A 68 -10.27 8.71 -3.31
C VAL A 68 -10.53 9.51 -2.05
N GLY A 69 -9.42 9.84 -1.39
CA GLY A 69 -9.40 10.61 -0.17
C GLY A 69 -9.13 9.75 1.07
N GLN A 70 -9.22 8.42 0.93
CA GLN A 70 -9.16 7.58 2.08
C GLN A 70 -7.75 7.28 2.50
N ARG A 71 -7.60 7.18 3.82
CA ARG A 71 -6.32 6.87 4.46
C ARG A 71 -6.66 5.65 5.29
N ALA A 72 -5.87 4.61 5.02
CA ALA A 72 -6.04 3.31 5.64
C ALA A 72 -4.73 2.58 5.95
N LYS A 73 -4.79 1.67 6.90
CA LYS A 73 -3.68 0.80 7.26
C LYS A 73 -3.91 -0.57 6.63
N LEU A 74 -2.98 -1.04 5.82
CA LEU A 74 -3.11 -2.29 5.11
C LEU A 74 -2.18 -3.28 5.80
N THR A 75 -2.66 -4.35 6.44
CA THR A 75 -1.76 -5.35 7.03
C THR A 75 -1.68 -6.51 6.01
N ILE A 76 -0.49 -6.82 5.52
CA ILE A 76 -0.30 -7.70 4.38
C ILE A 76 0.54 -8.90 4.83
N SER A 77 -0.01 -10.11 4.64
CA SER A 77 0.70 -11.34 4.96
C SER A 77 1.91 -11.52 4.05
N PRO A 78 2.97 -12.24 4.43
CA PRO A 78 4.15 -12.41 3.61
C PRO A 78 3.89 -12.96 2.24
N ASP A 79 2.92 -13.87 2.09
CA ASP A 79 2.64 -14.44 0.80
C ASP A 79 2.01 -13.47 -0.19
N TYR A 80 1.54 -12.32 0.34
CA TYR A 80 0.98 -11.21 -0.40
C TYR A 80 1.95 -10.05 -0.49
N ALA A 81 3.18 -10.30 -0.12
CA ALA A 81 4.21 -9.27 -0.10
C ALA A 81 5.45 -9.92 -0.67
N TYR A 82 6.59 -10.09 0.06
CA TYR A 82 7.86 -10.58 -0.44
C TYR A 82 8.19 -12.07 -0.11
N GLY A 83 7.23 -12.75 0.54
CA GLY A 83 7.28 -14.17 0.80
C GLY A 83 8.52 -14.53 1.59
N ALA A 84 9.10 -15.62 1.12
CA ALA A 84 10.28 -16.16 1.76
C ALA A 84 11.53 -15.43 1.29
N THR A 85 11.53 -14.71 0.16
CA THR A 85 12.72 -13.95 -0.19
C THR A 85 12.92 -12.72 0.69
N GLY A 86 11.84 -11.99 0.95
CA GLY A 86 11.99 -10.70 1.61
C GLY A 86 12.59 -9.72 0.59
N HIS A 87 13.04 -8.55 0.97
CA HIS A 87 13.62 -7.64 0.00
C HIS A 87 15.03 -7.45 0.48
N PRO A 88 16.10 -7.89 -0.23
CA PRO A 88 17.48 -8.01 0.27
C PRO A 88 17.89 -6.73 1.01
N GLY A 89 18.26 -6.98 2.28
CA GLY A 89 18.65 -5.93 3.20
C GLY A 89 17.51 -5.14 3.89
N ILE A 90 16.29 -5.00 3.32
CA ILE A 90 15.25 -4.18 3.93
C ILE A 90 14.16 -4.96 4.63
N ILE A 91 13.59 -5.97 3.97
CA ILE A 91 12.47 -6.71 4.56
C ILE A 91 13.06 -8.09 4.81
N PRO A 92 12.91 -8.73 5.98
CA PRO A 92 13.30 -10.13 6.24
C PRO A 92 12.46 -11.12 5.47
N PRO A 93 12.87 -12.40 5.32
CA PRO A 93 11.98 -13.48 4.92
C PRO A 93 10.79 -13.57 5.88
N HIS A 94 9.65 -13.91 5.27
CA HIS A 94 8.40 -14.22 5.96
C HIS A 94 7.84 -13.06 6.76
N ALA A 95 8.12 -11.80 6.39
CA ALA A 95 7.62 -10.64 7.13
C ALA A 95 6.17 -10.18 6.86
N THR A 96 5.32 -9.91 7.86
CA THR A 96 4.04 -9.25 7.66
C THR A 96 4.33 -7.73 7.56
N LEU A 97 3.78 -7.05 6.56
CA LEU A 97 4.07 -5.65 6.37
C LEU A 97 2.84 -4.80 6.72
N VAL A 98 3.05 -3.61 7.24
CA VAL A 98 1.98 -2.76 7.64
C VAL A 98 2.19 -1.50 6.85
N PHE A 99 1.24 -1.08 6.00
CA PHE A 99 1.42 0.14 5.25
C PHE A 99 0.32 1.15 5.66
N ASP A 100 0.69 2.40 5.85
CA ASP A 100 -0.22 3.50 6.11
C ASP A 100 -0.22 4.14 4.74
N VAL A 101 -1.37 4.06 4.10
CA VAL A 101 -1.55 4.47 2.71
C VAL A 101 -2.71 5.46 2.57
N GLU A 102 -2.49 6.55 1.85
CA GLU A 102 -3.51 7.54 1.63
C GLU A 102 -3.69 7.61 0.14
N LEU A 103 -4.90 7.37 -0.36
CA LEU A 103 -5.13 7.44 -1.80
C LEU A 103 -5.52 8.88 -2.13
N LEU A 104 -4.60 9.55 -2.79
CA LEU A 104 -4.71 10.99 -3.05
C LEU A 104 -5.51 11.37 -4.29
N LYS A 105 -5.23 10.61 -5.36
CA LYS A 105 -5.70 11.01 -6.67
C LYS A 105 -5.66 9.81 -7.61
N LEU A 106 -6.50 9.79 -8.66
CA LEU A 106 -6.42 8.80 -9.72
C LEU A 106 -6.19 9.59 -10.98
N GLU A 107 -5.22 9.10 -11.73
CA GLU A 107 -4.84 9.71 -12.99
C GLU A 107 -4.91 8.68 -14.12
C2 GPI B . 6.40 -0.72 -3.29
N6 GPI B . 7.66 -0.16 -2.63
C5 GPI B . 7.35 1.32 -2.32
C3 GPI B . 5.56 0.47 -3.73
C4 GPI B . 5.90 1.58 -2.75
C1 GPI B . 6.78 -1.54 -4.54
O1 GPI B . 5.91 -2.12 -5.19
O2 GPI B . 8.09 -1.63 -4.93
C14 GPI B . 8.43 -3.00 -5.13
C15 GPI B . 9.82 -3.07 -5.79
C16 GPI B . 9.71 -3.81 -7.14
N19 GPI B . 9.48 -7.52 -6.11
C20 GPI B . 8.16 -7.83 -6.47
C21 GPI B . 7.33 -6.85 -7.05
C22 GPI B . 7.84 -5.55 -7.27
C17 GPI B . 9.17 -5.23 -6.90
C18 GPI B . 9.99 -6.22 -6.33
C7 GPI B . 8.78 -0.79 -2.38
O7 GPI B . 8.90 -1.97 -2.68
C8 GPI B . 9.94 -0.05 -1.69
O8 GPI B . 9.75 0.57 -0.66
C9 GPI B . 11.35 -0.09 -2.31
C12 GPI B . 12.14 1.16 -1.88
C13 GPI B . 11.24 -0.14 -3.85
C10 GPI B . 12.08 -1.35 -1.82
C11 GPI B . 12.21 -1.31 -0.29
H2 GPI B . 5.94 -1.34 -2.52
H51 GPI B . 7.51 1.56 -1.26
H52 GPI B . 8.03 1.98 -2.89
H31 GPI B . 4.48 0.24 -3.68
H32 GPI B . 5.77 0.75 -4.78
H41 GPI B . 5.24 1.49 -1.87
H42 GPI B . 5.77 2.58 -3.18
H141 GPI B . 7.70 -3.46 -5.78
H142 GPI B . 8.45 -3.51 -4.17
H151 GPI B . 10.50 -3.62 -5.13
H152 GPI B . 10.21 -2.07 -5.96
H161 GPI B . 9.03 -3.26 -7.79
H162 GPI B . 10.70 -3.87 -7.60
H20 GPI B . 7.78 -8.83 -6.31
H21 GPI B . 6.33 -7.10 -7.33
H22 GPI B . 7.21 -4.79 -7.72
H18 GPI B . 11.01 -5.97 -6.04
H121 GPI B . 13.19 0.94 -1.89
H122 GPI B . 11.94 1.95 -2.58
H123 GPI B . 11.83 1.46 -0.90
H131 GPI B . 12.18 0.19 -4.29
H132 GPI B . 11.04 -1.16 -4.16
H133 GPI B . 10.43 0.52 -4.17
H101 GPI B . 11.53 -2.24 -2.11
H102 GPI B . 13.08 -1.39 -2.27
H111 GPI B . 12.49 -2.27 0.08
H112 GPI B . 12.99 -0.61 -0.02
H113 GPI B . 11.28 -1.00 0.15
N GLY A 1 -3.60 -12.72 3.40
CA GLY A 1 -4.41 -11.77 2.65
C GLY A 1 -3.90 -10.39 3.04
N VAL A 2 -4.74 -9.36 2.83
CA VAL A 2 -4.48 -7.98 3.22
C VAL A 2 -5.74 -7.63 4.02
N GLN A 3 -5.56 -6.88 5.06
CA GLN A 3 -6.62 -6.42 5.93
C GLN A 3 -6.57 -4.89 5.75
N VAL A 4 -7.68 -4.23 5.49
CA VAL A 4 -7.74 -2.80 5.21
C VAL A 4 -8.42 -2.21 6.47
N GLU A 5 -7.77 -1.35 7.23
CA GLU A 5 -8.40 -0.74 8.38
C GLU A 5 -8.36 0.75 8.11
N THR A 6 -9.47 1.46 8.13
CA THR A 6 -9.50 2.90 7.82
C THR A 6 -8.96 3.83 8.93
N ILE A 7 -8.22 4.86 8.54
CA ILE A 7 -7.75 5.96 9.39
C ILE A 7 -8.69 7.16 9.09
N SER A 8 -8.90 7.55 7.83
CA SER A 8 -9.81 8.63 7.49
C SER A 8 -10.57 8.17 6.23
N PRO A 9 -11.87 8.44 6.17
CA PRO A 9 -12.73 7.99 5.07
C PRO A 9 -12.39 8.69 3.76
N GLY A 10 -12.73 8.02 2.67
CA GLY A 10 -12.58 8.54 1.32
C GLY A 10 -13.94 9.05 0.82
N ASP A 11 -14.21 9.24 -0.46
CA ASP A 11 -15.51 9.78 -0.85
C ASP A 11 -16.63 8.72 -0.91
N GLY A 12 -16.21 7.45 -0.79
CA GLY A 12 -17.17 6.33 -0.88
C GLY A 12 -17.68 6.08 -2.27
N ARG A 13 -17.16 6.67 -3.34
CA ARG A 13 -17.71 6.42 -4.68
C ARG A 13 -16.64 6.23 -5.77
N THR A 14 -15.43 6.80 -5.64
CA THR A 14 -14.39 6.73 -6.69
C THR A 14 -13.31 5.74 -6.28
N PHE A 15 -13.49 4.49 -6.75
CA PHE A 15 -12.55 3.40 -6.45
C PHE A 15 -11.68 3.11 -7.68
N PRO A 16 -10.40 2.80 -7.52
CA PRO A 16 -9.48 2.63 -8.65
C PRO A 16 -9.84 1.41 -9.46
N LYS A 17 -9.60 1.52 -10.75
CA LYS A 17 -9.91 0.49 -11.71
C LYS A 17 -8.62 0.12 -12.40
N ARG A 18 -8.55 -1.09 -12.94
CA ARG A 18 -7.43 -1.55 -13.72
C ARG A 18 -7.06 -0.57 -14.87
N GLY A 19 -5.79 -0.24 -14.95
CA GLY A 19 -5.35 0.68 -15.94
C GLY A 19 -5.27 2.10 -15.43
N GLN A 20 -5.83 2.42 -14.29
CA GLN A 20 -5.66 3.75 -13.72
C GLN A 20 -4.42 3.87 -12.89
N THR A 21 -3.88 5.08 -12.87
CA THR A 21 -2.74 5.39 -12.02
C THR A 21 -3.18 5.91 -10.64
N CYS A 22 -2.78 5.20 -9.59
CA CYS A 22 -3.05 5.60 -8.22
C CYS A 22 -1.89 6.41 -7.67
N VAL A 23 -2.20 7.54 -7.08
CA VAL A 23 -1.21 8.51 -6.61
C VAL A 23 -1.39 8.41 -5.11
N VAL A 24 -0.40 7.88 -4.39
CA VAL A 24 -0.60 7.62 -2.98
C VAL A 24 0.52 8.19 -2.12
N HIS A 25 0.22 8.49 -0.87
CA HIS A 25 1.32 8.70 0.04
C HIS A 25 1.39 7.45 0.90
N TYR A 26 2.58 6.97 1.32
CA TYR A 26 2.64 5.79 2.15
C TYR A 26 3.79 5.86 3.17
N THR A 27 3.65 5.11 4.27
CA THR A 27 4.73 4.83 5.21
C THR A 27 4.61 3.34 5.43
N GLY A 28 5.64 2.58 5.15
CA GLY A 28 5.67 1.13 5.34
C GLY A 28 6.43 0.81 6.62
N MET A 29 5.84 -0.05 7.44
CA MET A 29 6.36 -0.50 8.72
C MET A 29 6.26 -2.03 8.83
N LEU A 30 7.19 -2.53 9.62
CA LEU A 30 7.27 -3.90 10.05
C LEU A 30 6.28 -4.05 11.20
N GLU A 31 5.87 -5.25 11.66
CA GLU A 31 4.92 -5.37 12.76
C GLU A 31 5.31 -4.75 14.09
N ASP A 32 6.59 -4.51 14.30
CA ASP A 32 7.02 -3.87 15.53
C ASP A 32 7.02 -2.34 15.48
N GLY A 33 6.52 -1.72 14.37
CA GLY A 33 6.46 -0.27 14.23
C GLY A 33 7.65 0.33 13.48
N LYS A 34 8.69 -0.43 13.24
CA LYS A 34 9.86 0.09 12.57
C LYS A 34 9.51 0.46 11.11
N LYS A 35 9.78 1.71 10.77
CA LYS A 35 9.55 2.24 9.45
C LYS A 35 10.66 1.76 8.57
N PHE A 36 10.34 1.23 7.41
CA PHE A 36 11.39 0.87 6.46
C PHE A 36 11.41 1.84 5.29
N ASP A 37 10.33 2.58 5.06
CA ASP A 37 10.29 3.59 3.97
C ASP A 37 9.02 4.41 4.04
N SER A 38 9.04 5.64 3.51
CA SER A 38 7.89 6.56 3.49
C SER A 38 8.05 7.60 2.39
N SER A 39 7.04 7.76 1.53
CA SER A 39 7.10 8.81 0.53
C SER A 39 6.83 10.17 1.20
N ARG A 40 6.18 10.11 2.38
CA ARG A 40 5.88 11.31 3.13
C ARG A 40 7.22 11.95 3.53
N ASP A 41 8.26 11.18 3.85
CA ASP A 41 9.57 11.75 4.15
C ASP A 41 10.20 12.37 2.90
N ARG A 42 9.88 11.87 1.70
CA ARG A 42 10.40 12.50 0.49
C ARG A 42 9.49 13.61 -0.03
N ASN A 43 8.28 13.73 0.55
CA ASN A 43 7.30 14.72 0.18
C ASN A 43 6.96 14.64 -1.32
N LYS A 44 6.95 13.46 -1.90
CA LYS A 44 6.60 13.30 -3.30
C LYS A 44 5.75 12.02 -3.32
N PRO A 45 4.48 12.05 -3.77
CA PRO A 45 3.59 10.89 -3.81
C PRO A 45 4.18 9.81 -4.69
N PHE A 46 3.83 8.55 -4.39
CA PHE A 46 4.32 7.46 -5.19
C PHE A 46 3.23 7.15 -6.22
N LYS A 47 3.55 6.88 -7.47
CA LYS A 47 2.51 6.54 -8.44
C LYS A 47 2.64 5.07 -8.88
N PHE A 48 1.55 4.31 -8.99
CA PHE A 48 1.62 3.01 -9.63
C PHE A 48 0.35 2.81 -10.42
N MET A 49 0.34 2.06 -11.53
CA MET A 49 -0.88 1.69 -12.26
C MET A 49 -1.41 0.37 -11.76
N LEU A 50 -2.68 0.40 -11.39
CA LEU A 50 -3.41 -0.76 -10.96
C LEU A 50 -3.51 -1.78 -12.08
N GLY A 51 -3.16 -3.03 -11.75
CA GLY A 51 -3.26 -4.16 -12.65
C GLY A 51 -2.04 -4.38 -13.51
N LYS A 52 -1.04 -3.50 -13.43
CA LYS A 52 0.14 -3.68 -14.23
C LYS A 52 1.19 -4.62 -13.65
N GLN A 53 0.97 -5.16 -12.45
CA GLN A 53 1.88 -6.09 -11.80
C GLN A 53 3.24 -5.49 -11.44
N GLU A 54 3.23 -4.23 -10.99
CA GLU A 54 4.48 -3.62 -10.61
C GLU A 54 4.61 -3.30 -9.13
N VAL A 55 3.59 -3.57 -8.34
CA VAL A 55 3.64 -3.48 -6.89
C VAL A 55 3.29 -4.85 -6.30
N ILE A 56 3.42 -5.03 -4.99
CA ILE A 56 3.15 -6.30 -4.37
C ILE A 56 1.64 -6.57 -4.38
N ARG A 57 1.30 -7.88 -4.39
CA ARG A 57 -0.10 -8.31 -4.48
C ARG A 57 -0.99 -7.75 -3.38
N GLY A 58 -0.59 -7.56 -2.14
CA GLY A 58 -1.45 -6.99 -1.12
C GLY A 58 -1.78 -5.51 -1.41
N TRP A 59 -0.94 -4.80 -2.20
CA TRP A 59 -1.24 -3.42 -2.64
C TRP A 59 -2.30 -3.41 -3.76
N GLU A 60 -2.12 -4.15 -4.87
CA GLU A 60 -3.13 -4.30 -5.93
C GLU A 60 -4.52 -4.60 -5.34
N GLU A 61 -4.52 -5.51 -4.37
CA GLU A 61 -5.76 -5.90 -3.69
C GLU A 61 -6.24 -4.91 -2.66
N GLY A 62 -5.35 -4.25 -1.94
CA GLY A 62 -5.79 -3.39 -0.89
C GLY A 62 -6.18 -2.00 -1.32
N VAL A 63 -5.34 -1.40 -2.16
CA VAL A 63 -5.65 -0.08 -2.61
C VAL A 63 -6.90 -0.12 -3.52
N ALA A 64 -7.22 -1.22 -4.21
CA ALA A 64 -8.43 -1.29 -5.01
C ALA A 64 -9.70 -1.19 -4.14
N GLN A 65 -9.55 -1.45 -2.84
CA GLN A 65 -10.64 -1.30 -1.90
C GLN A 65 -10.80 0.10 -1.40
N MET A 66 -10.00 1.07 -1.82
CA MET A 66 -10.02 2.39 -1.22
C MET A 66 -10.65 3.36 -2.19
N SER A 67 -11.41 4.32 -1.66
CA SER A 67 -11.98 5.41 -2.43
C SER A 67 -11.08 6.64 -2.36
N VAL A 68 -11.11 7.53 -3.33
CA VAL A 68 -10.27 8.71 -3.31
C VAL A 68 -10.53 9.51 -2.05
N GLY A 69 -9.42 9.84 -1.39
CA GLY A 69 -9.40 10.61 -0.17
C GLY A 69 -9.13 9.75 1.07
N GLN A 70 -9.22 8.42 0.93
CA GLN A 70 -9.16 7.58 2.08
C GLN A 70 -7.75 7.28 2.50
N ARG A 71 -7.60 7.18 3.82
CA ARG A 71 -6.32 6.87 4.46
C ARG A 71 -6.66 5.65 5.29
N ALA A 72 -5.88 4.61 5.02
CA ALA A 72 -6.04 3.31 5.64
C ALA A 72 -4.73 2.58 5.95
N LYS A 73 -4.79 1.67 6.90
CA LYS A 73 -3.68 0.80 7.26
C LYS A 73 -3.91 -0.57 6.63
N LEU A 74 -2.98 -1.04 5.82
CA LEU A 74 -3.11 -2.29 5.11
C LEU A 74 -2.18 -3.28 5.80
N THR A 75 -2.66 -4.35 6.44
CA THR A 75 -1.76 -5.35 7.03
C THR A 75 -1.68 -6.51 6.01
N ILE A 76 -0.49 -6.82 5.52
CA ILE A 76 -0.30 -7.70 4.38
C ILE A 76 0.54 -8.90 4.83
N SER A 77 -0.01 -10.11 4.64
CA SER A 77 0.69 -11.33 4.96
C SER A 77 1.91 -11.52 4.05
N PRO A 78 2.97 -12.24 4.43
CA PRO A 78 4.16 -12.40 3.61
C PRO A 78 3.89 -12.96 2.24
N ASP A 79 2.92 -13.87 2.09
CA ASP A 79 2.64 -14.44 0.80
C ASP A 79 2.01 -13.47 -0.19
N TYR A 80 1.54 -12.32 0.34
CA TYR A 80 0.98 -11.21 -0.40
C TYR A 80 1.95 -10.05 -0.49
N ALA A 81 3.18 -10.30 -0.12
CA ALA A 81 4.21 -9.27 -0.10
C ALA A 81 5.45 -9.92 -0.67
N TYR A 82 6.58 -10.09 0.07
CA TYR A 82 7.86 -10.58 -0.44
C TYR A 82 8.20 -12.06 -0.11
N GLY A 83 7.23 -12.75 0.54
CA GLY A 83 7.28 -14.17 0.80
C GLY A 83 8.52 -14.53 1.59
N ALA A 84 9.10 -15.62 1.12
CA ALA A 84 10.28 -16.16 1.76
C ALA A 84 11.53 -15.43 1.29
N THR A 85 11.53 -14.70 0.16
CA THR A 85 12.72 -13.95 -0.19
C THR A 85 12.92 -12.72 0.69
N GLY A 86 11.84 -11.99 0.95
CA GLY A 86 11.99 -10.70 1.61
C GLY A 86 12.59 -9.72 0.59
N HIS A 87 13.04 -8.55 0.97
CA HIS A 87 13.62 -7.64 0.00
C HIS A 87 15.03 -7.45 0.48
N PRO A 88 16.10 -7.89 -0.23
CA PRO A 88 17.48 -8.01 0.27
C PRO A 88 17.89 -6.73 1.01
N GLY A 89 18.25 -6.99 2.28
CA GLY A 89 18.65 -5.93 3.20
C GLY A 89 17.51 -5.14 3.89
N ILE A 90 16.29 -5.00 3.32
CA ILE A 90 15.25 -4.18 3.93
C ILE A 90 14.16 -4.96 4.63
N ILE A 91 13.59 -5.97 3.97
CA ILE A 91 12.47 -6.71 4.56
C ILE A 91 13.06 -8.09 4.81
N PRO A 92 12.91 -8.73 5.98
CA PRO A 92 13.30 -10.13 6.24
C PRO A 92 12.45 -11.13 5.46
N PRO A 93 12.87 -12.40 5.32
CA PRO A 93 11.98 -13.48 4.92
C PRO A 93 10.79 -13.57 5.88
N HIS A 94 9.65 -13.91 5.27
CA HIS A 94 8.40 -14.22 5.96
C HIS A 94 7.84 -13.06 6.76
N ALA A 95 8.12 -11.80 6.39
CA ALA A 95 7.63 -10.64 7.14
C ALA A 95 6.17 -10.18 6.86
N THR A 96 5.32 -9.91 7.86
CA THR A 96 4.04 -9.25 7.66
C THR A 96 4.33 -7.73 7.56
N LEU A 97 3.78 -7.05 6.56
CA LEU A 97 4.07 -5.65 6.37
C LEU A 97 2.83 -4.80 6.73
N VAL A 98 3.05 -3.61 7.24
CA VAL A 98 1.98 -2.76 7.64
C VAL A 98 2.19 -1.50 6.85
N PHE A 99 1.24 -1.08 6.00
CA PHE A 99 1.42 0.14 5.25
C PHE A 99 0.32 1.15 5.66
N ASP A 100 0.69 2.40 5.85
CA ASP A 100 -0.22 3.50 6.11
C ASP A 100 -0.22 4.14 4.74
N VAL A 101 -1.37 4.06 4.10
CA VAL A 101 -1.55 4.47 2.71
C VAL A 101 -2.71 5.46 2.57
N GLU A 102 -2.49 6.55 1.85
CA GLU A 102 -3.51 7.54 1.63
C GLU A 102 -3.70 7.61 0.15
N LEU A 103 -4.90 7.36 -0.35
CA LEU A 103 -5.13 7.43 -1.79
C LEU A 103 -5.52 8.88 -2.13
N LEU A 104 -4.60 9.55 -2.79
CA LEU A 104 -4.71 10.99 -3.05
C LEU A 104 -5.51 11.37 -4.29
N LYS A 105 -5.23 10.61 -5.36
CA LYS A 105 -5.70 11.01 -6.67
C LYS A 105 -5.66 9.81 -7.61
N LEU A 106 -6.50 9.79 -8.66
CA LEU A 106 -6.42 8.80 -9.72
C LEU A 106 -6.19 9.59 -10.98
N GLU A 107 -5.22 9.10 -11.73
CA GLU A 107 -4.84 9.71 -12.99
C GLU A 107 -4.91 8.68 -14.12
C2 GPI B . 5.92 -0.70 -3.06
N6 GPI B . 7.25 -0.27 -2.45
C5 GPI B . 6.99 1.15 -1.92
C3 GPI B . 5.31 0.58 -3.62
C4 GPI B . 5.77 1.69 -2.68
C1 GPI B . 6.17 -1.69 -4.22
O1 GPI B . 5.41 -2.65 -4.37
O2 GPI B . 7.21 -1.48 -5.09
C14 GPI B . 7.79 -2.73 -5.46
C15 GPI B . 9.14 -2.47 -6.18
C16 GPI B . 9.20 -3.30 -7.47
N19 GPI B . 10.15 -6.73 -5.97
C20 GPI B . 9.12 -7.56 -6.48
C21 GPI B . 8.12 -7.02 -7.30
C22 GPI B . 8.15 -5.63 -7.62
C17 GPI B . 9.17 -4.81 -7.11
C18 GPI B . 10.18 -5.36 -6.29
C7 GPI B . 8.38 -0.96 -2.38
O7 GPI B . 8.43 -2.10 -2.85
C8 GPI B . 9.62 -0.35 -1.70
O8 GPI B . 9.69 -0.30 -0.48
C9 GPI B . 10.77 0.20 -2.57
C12 GPI B . 10.26 1.40 -3.39
C13 GPI B . 11.26 -0.91 -3.53
C10 GPI B . 11.93 0.65 -1.66
C11 GPI B . 12.47 -0.56 -0.88
H2 GPI B . 5.37 -1.16 -2.23
H51 GPI B . 6.84 1.17 -0.82
H52 GPI B . 7.87 1.79 -2.13
H31 GPI B . 4.21 0.51 -3.62
H32 GPI B . 5.62 0.74 -4.66
H41 GPI B . 4.96 1.89 -1.95
H42 GPI B . 6.00 2.63 -3.21
H141 GPI B . 7.12 -3.25 -6.15
H142 GPI B . 7.97 -3.34 -4.58
H151 GPI B . 9.96 -2.75 -5.53
H152 GPI B . 9.22 -1.41 -6.43
H161 GPI B . 8.34 -3.07 -8.10
H162 GPI B . 10.12 -3.08 -8.01
H20 GPI B . 9.11 -8.61 -6.23
H21 GPI B . 7.34 -7.64 -7.69
H22 GPI B . 7.39 -5.21 -8.25
H18 GPI B . 10.97 -4.72 -5.90
H121 GPI B . 10.12 2.23 -2.75
H122 GPI B . 11.02 1.64 -4.13
H123 GPI B . 9.35 1.14 -3.88
H131 GPI B . 10.87 -0.74 -4.52
H132 GPI B . 12.35 -0.88 -3.56
H133 GPI B . 10.94 -1.88 -3.16
H101 GPI B . 12.72 1.07 -2.27
H102 GPI B . 11.56 1.40 -0.96
H111 GPI B . 13.18 -1.08 -1.47
H112 GPI B . 12.95 -0.21 0.01
H113 GPI B . 11.67 -1.21 -0.61
N GLY A 1 -3.60 -12.72 3.40
CA GLY A 1 -4.41 -11.77 2.65
C GLY A 1 -3.90 -10.39 3.04
N VAL A 2 -4.74 -9.36 2.83
CA VAL A 2 -4.48 -7.98 3.22
C VAL A 2 -5.74 -7.63 4.02
N GLN A 3 -5.56 -6.88 5.06
CA GLN A 3 -6.62 -6.42 5.93
C GLN A 3 -6.57 -4.89 5.75
N VAL A 4 -7.68 -4.23 5.49
CA VAL A 4 -7.74 -2.80 5.21
C VAL A 4 -8.42 -2.21 6.47
N GLU A 5 -7.77 -1.35 7.23
CA GLU A 5 -8.39 -0.73 8.39
C GLU A 5 -8.36 0.75 8.11
N THR A 6 -9.47 1.46 8.13
CA THR A 6 -9.50 2.90 7.82
C THR A 6 -8.96 3.83 8.93
N ILE A 7 -8.22 4.86 8.54
CA ILE A 7 -7.75 5.96 9.39
C ILE A 7 -8.69 7.16 9.09
N SER A 8 -8.90 7.55 7.83
CA SER A 8 -9.81 8.63 7.49
C SER A 8 -10.57 8.17 6.23
N PRO A 9 -11.87 8.44 6.17
CA PRO A 9 -12.73 7.99 5.07
C PRO A 9 -12.39 8.69 3.76
N GLY A 10 -12.73 8.02 2.67
CA GLY A 10 -12.58 8.54 1.32
C GLY A 10 -13.94 9.05 0.82
N ASP A 11 -14.21 9.24 -0.46
CA ASP A 11 -15.51 9.78 -0.85
C ASP A 11 -16.63 8.72 -0.91
N GLY A 12 -16.21 7.45 -0.79
CA GLY A 12 -17.17 6.33 -0.88
C GLY A 12 -17.68 6.08 -2.27
N ARG A 13 -17.16 6.67 -3.34
CA ARG A 13 -17.71 6.42 -4.68
C ARG A 13 -16.64 6.23 -5.77
N THR A 14 -15.43 6.80 -5.64
CA THR A 14 -14.39 6.73 -6.69
C THR A 14 -13.31 5.74 -6.27
N PHE A 15 -13.49 4.49 -6.75
CA PHE A 15 -12.55 3.40 -6.45
C PHE A 15 -11.68 3.11 -7.68
N PRO A 16 -10.40 2.80 -7.52
CA PRO A 16 -9.48 2.63 -8.65
C PRO A 16 -9.84 1.41 -9.46
N LYS A 17 -9.60 1.52 -10.75
CA LYS A 17 -9.91 0.49 -11.71
C LYS A 17 -8.62 0.12 -12.40
N ARG A 18 -8.55 -1.09 -12.94
CA ARG A 18 -7.43 -1.55 -13.72
C ARG A 18 -7.06 -0.57 -14.87
N GLY A 19 -5.79 -0.24 -14.95
CA GLY A 19 -5.35 0.68 -15.94
C GLY A 19 -5.27 2.10 -15.43
N GLN A 20 -5.83 2.42 -14.29
CA GLN A 20 -5.66 3.75 -13.72
C GLN A 20 -4.43 3.86 -12.88
N THR A 21 -3.88 5.08 -12.87
CA THR A 21 -2.74 5.39 -12.02
C THR A 21 -3.18 5.91 -10.64
N CYS A 22 -2.78 5.20 -9.59
CA CYS A 22 -3.05 5.60 -8.22
C CYS A 22 -1.89 6.41 -7.67
N VAL A 23 -2.20 7.54 -7.08
CA VAL A 23 -1.21 8.51 -6.61
C VAL A 23 -1.39 8.41 -5.11
N VAL A 24 -0.40 7.88 -4.39
CA VAL A 24 -0.60 7.62 -2.98
C VAL A 24 0.52 8.19 -2.12
N HIS A 25 0.22 8.49 -0.87
CA HIS A 25 1.32 8.70 0.04
C HIS A 25 1.39 7.45 0.90
N TYR A 26 2.58 6.97 1.32
CA TYR A 26 2.64 5.79 2.15
C TYR A 26 3.79 5.86 3.17
N THR A 27 3.65 5.11 4.27
CA THR A 27 4.73 4.83 5.21
C THR A 27 4.61 3.34 5.43
N GLY A 28 5.64 2.58 5.15
CA GLY A 28 5.67 1.13 5.34
C GLY A 28 6.43 0.81 6.62
N MET A 29 5.84 -0.05 7.44
CA MET A 29 6.36 -0.51 8.72
C MET A 29 6.26 -2.03 8.83
N LEU A 30 7.19 -2.53 9.62
CA LEU A 30 7.27 -3.90 10.05
C LEU A 30 6.28 -4.05 11.20
N GLU A 31 5.87 -5.25 11.66
CA GLU A 31 4.93 -5.37 12.76
C GLU A 31 5.31 -4.75 14.09
N ASP A 32 6.59 -4.51 14.30
CA ASP A 32 7.02 -3.87 15.54
C ASP A 32 7.02 -2.34 15.48
N GLY A 33 6.52 -1.72 14.37
CA GLY A 33 6.46 -0.27 14.23
C GLY A 33 7.65 0.33 13.48
N LYS A 34 8.69 -0.43 13.24
CA LYS A 34 9.86 0.09 12.57
C LYS A 34 9.51 0.46 11.11
N LYS A 35 9.78 1.71 10.77
CA LYS A 35 9.55 2.24 9.45
C LYS A 35 10.66 1.76 8.57
N PHE A 36 10.34 1.23 7.41
CA PHE A 36 11.39 0.87 6.46
C PHE A 36 11.41 1.84 5.29
N ASP A 37 10.33 2.58 5.06
CA ASP A 37 10.29 3.59 3.97
C ASP A 37 9.03 4.41 4.05
N SER A 38 9.04 5.64 3.51
CA SER A 38 7.89 6.56 3.49
C SER A 38 8.05 7.60 2.39
N SER A 39 7.05 7.76 1.54
CA SER A 39 7.11 8.82 0.52
C SER A 39 6.83 10.17 1.20
N ARG A 40 6.18 10.11 2.38
CA ARG A 40 5.87 11.31 3.12
C ARG A 40 7.22 11.95 3.53
N ASP A 41 8.26 11.18 3.85
CA ASP A 41 9.57 11.75 4.15
C ASP A 41 10.20 12.37 2.90
N ARG A 42 9.88 11.87 1.70
CA ARG A 42 10.41 12.49 0.49
C ARG A 42 9.49 13.61 -0.03
N ASN A 43 8.28 13.73 0.55
CA ASN A 43 7.30 14.72 0.18
C ASN A 43 6.96 14.64 -1.32
N LYS A 44 6.95 13.46 -1.90
CA LYS A 44 6.60 13.30 -3.30
C LYS A 44 5.75 12.02 -3.32
N PRO A 45 4.48 12.05 -3.77
CA PRO A 45 3.59 10.89 -3.81
C PRO A 45 4.18 9.81 -4.69
N PHE A 46 3.83 8.55 -4.39
CA PHE A 46 4.32 7.46 -5.19
C PHE A 46 3.24 7.15 -6.21
N LYS A 47 3.55 6.88 -7.47
CA LYS A 47 2.51 6.54 -8.44
C LYS A 47 2.64 5.07 -8.88
N PHE A 48 1.55 4.31 -8.99
CA PHE A 48 1.62 3.01 -9.63
C PHE A 48 0.34 2.82 -10.42
N MET A 49 0.34 2.06 -11.53
CA MET A 49 -0.88 1.69 -12.26
C MET A 49 -1.41 0.37 -11.76
N LEU A 50 -2.68 0.40 -11.39
CA LEU A 50 -3.41 -0.76 -10.96
C LEU A 50 -3.51 -1.78 -12.08
N GLY A 51 -3.16 -3.03 -11.75
CA GLY A 51 -3.26 -4.16 -12.65
C GLY A 51 -2.04 -4.38 -13.51
N LYS A 52 -1.04 -3.50 -13.43
CA LYS A 52 0.14 -3.68 -14.23
C LYS A 52 1.19 -4.62 -13.65
N GLN A 53 0.97 -5.16 -12.45
CA GLN A 53 1.88 -6.09 -11.80
C GLN A 53 3.24 -5.49 -11.44
N GLU A 54 3.23 -4.23 -10.99
CA GLU A 54 4.48 -3.62 -10.61
C GLU A 54 4.61 -3.30 -9.13
N VAL A 55 3.59 -3.57 -8.34
CA VAL A 55 3.64 -3.47 -6.89
C VAL A 55 3.29 -4.85 -6.30
N ILE A 56 3.42 -5.03 -4.99
CA ILE A 56 3.15 -6.30 -4.37
C ILE A 56 1.64 -6.57 -4.38
N ARG A 57 1.30 -7.88 -4.39
CA ARG A 57 -0.10 -8.31 -4.48
C ARG A 57 -0.99 -7.75 -3.38
N GLY A 58 -0.59 -7.56 -2.14
CA GLY A 58 -1.45 -6.99 -1.12
C GLY A 58 -1.78 -5.51 -1.41
N TRP A 59 -0.94 -4.80 -2.20
CA TRP A 59 -1.24 -3.42 -2.64
C TRP A 59 -2.30 -3.41 -3.76
N GLU A 60 -2.12 -4.15 -4.87
CA GLU A 60 -3.13 -4.30 -5.93
C GLU A 60 -4.52 -4.60 -5.34
N GLU A 61 -4.52 -5.51 -4.37
CA GLU A 61 -5.76 -5.90 -3.69
C GLU A 61 -6.24 -4.91 -2.66
N GLY A 62 -5.35 -4.25 -1.94
CA GLY A 62 -5.79 -3.39 -0.89
C GLY A 62 -6.18 -2.00 -1.32
N VAL A 63 -5.34 -1.40 -2.16
CA VAL A 63 -5.65 -0.08 -2.61
C VAL A 63 -6.90 -0.12 -3.52
N ALA A 64 -7.22 -1.22 -4.21
CA ALA A 64 -8.43 -1.29 -5.01
C ALA A 64 -9.70 -1.19 -4.14
N GLN A 65 -9.55 -1.45 -2.84
CA GLN A 65 -10.65 -1.31 -1.90
C GLN A 65 -10.80 0.10 -1.40
N MET A 66 -10.00 1.07 -1.82
CA MET A 66 -10.02 2.39 -1.22
C MET A 66 -10.65 3.36 -2.19
N SER A 67 -11.41 4.32 -1.66
CA SER A 67 -11.98 5.41 -2.43
C SER A 67 -11.08 6.64 -2.36
N VAL A 68 -11.11 7.53 -3.33
CA VAL A 68 -10.27 8.71 -3.31
C VAL A 68 -10.53 9.51 -2.05
N GLY A 69 -9.42 9.84 -1.39
CA GLY A 69 -9.40 10.61 -0.17
C GLY A 69 -9.13 9.75 1.07
N GLN A 70 -9.22 8.42 0.93
CA GLN A 70 -9.16 7.58 2.08
C GLN A 70 -7.75 7.28 2.50
N ARG A 71 -7.60 7.18 3.82
CA ARG A 71 -6.32 6.87 4.46
C ARG A 71 -6.66 5.65 5.29
N ALA A 72 -5.88 4.61 5.02
CA ALA A 72 -6.04 3.31 5.64
C ALA A 72 -4.73 2.58 5.95
N LYS A 73 -4.79 1.67 6.90
CA LYS A 73 -3.68 0.80 7.26
C LYS A 73 -3.91 -0.57 6.63
N LEU A 74 -2.98 -1.04 5.82
CA LEU A 74 -3.11 -2.29 5.11
C LEU A 74 -2.18 -3.28 5.80
N THR A 75 -2.66 -4.35 6.44
CA THR A 75 -1.76 -5.35 7.03
C THR A 75 -1.68 -6.51 6.01
N ILE A 76 -0.49 -6.82 5.52
CA ILE A 76 -0.30 -7.70 4.38
C ILE A 76 0.54 -8.90 4.83
N SER A 77 -0.01 -10.11 4.64
CA SER A 77 0.69 -11.33 4.96
C SER A 77 1.91 -11.52 4.05
N PRO A 78 2.97 -12.24 4.43
CA PRO A 78 4.16 -12.40 3.61
C PRO A 78 3.89 -12.95 2.23
N ASP A 79 2.92 -13.87 2.09
CA ASP A 79 2.64 -14.44 0.80
C ASP A 79 2.01 -13.47 -0.19
N TYR A 80 1.54 -12.32 0.34
CA TYR A 80 0.98 -11.21 -0.40
C TYR A 80 1.95 -10.05 -0.49
N ALA A 81 3.18 -10.30 -0.12
CA ALA A 81 4.21 -9.27 -0.10
C ALA A 81 5.45 -9.92 -0.67
N TYR A 82 6.58 -10.09 0.07
CA TYR A 82 7.86 -10.58 -0.44
C TYR A 82 8.20 -12.06 -0.11
N GLY A 83 7.23 -12.75 0.55
CA GLY A 83 7.28 -14.17 0.80
C GLY A 83 8.51 -14.53 1.59
N ALA A 84 9.10 -15.62 1.12
CA ALA A 84 10.28 -16.16 1.76
C ALA A 84 11.53 -15.43 1.29
N THR A 85 11.53 -14.70 0.16
CA THR A 85 12.72 -13.95 -0.19
C THR A 85 12.92 -12.72 0.69
N GLY A 86 11.84 -11.99 0.95
CA GLY A 86 11.99 -10.70 1.61
C GLY A 86 12.59 -9.72 0.59
N HIS A 87 13.04 -8.55 0.97
CA HIS A 87 13.62 -7.64 0.00
C HIS A 87 15.03 -7.45 0.48
N PRO A 88 16.10 -7.89 -0.23
CA PRO A 88 17.48 -8.01 0.27
C PRO A 88 17.90 -6.74 1.01
N GLY A 89 18.25 -6.99 2.28
CA GLY A 89 18.65 -5.93 3.20
C GLY A 89 17.51 -5.14 3.89
N ILE A 90 16.29 -5.00 3.32
CA ILE A 90 15.25 -4.18 3.93
C ILE A 90 14.16 -4.96 4.63
N ILE A 91 13.59 -5.97 3.97
CA ILE A 91 12.47 -6.71 4.56
C ILE A 91 13.06 -8.09 4.81
N PRO A 92 12.91 -8.73 5.98
CA PRO A 92 13.30 -10.13 6.24
C PRO A 92 12.46 -11.12 5.47
N PRO A 93 12.87 -12.40 5.32
CA PRO A 93 11.98 -13.48 4.92
C PRO A 93 10.79 -13.57 5.88
N HIS A 94 9.65 -13.91 5.27
CA HIS A 94 8.40 -14.22 5.97
C HIS A 94 7.84 -13.06 6.76
N ALA A 95 8.11 -11.79 6.39
CA ALA A 95 7.63 -10.64 7.14
C ALA A 95 6.17 -10.18 6.86
N THR A 96 5.32 -9.91 7.86
CA THR A 96 4.04 -9.25 7.66
C THR A 96 4.33 -7.73 7.56
N LEU A 97 3.78 -7.05 6.56
CA LEU A 97 4.07 -5.65 6.37
C LEU A 97 2.84 -4.80 6.72
N VAL A 98 3.05 -3.61 7.24
CA VAL A 98 1.98 -2.76 7.64
C VAL A 98 2.19 -1.50 6.85
N PHE A 99 1.24 -1.08 6.00
CA PHE A 99 1.42 0.14 5.25
C PHE A 99 0.32 1.15 5.66
N ASP A 100 0.69 2.39 5.84
CA ASP A 100 -0.22 3.50 6.11
C ASP A 100 -0.22 4.14 4.74
N VAL A 101 -1.37 4.06 4.10
CA VAL A 101 -1.55 4.47 2.71
C VAL A 101 -2.71 5.46 2.57
N GLU A 102 -2.49 6.55 1.85
CA GLU A 102 -3.51 7.54 1.63
C GLU A 102 -3.69 7.61 0.14
N LEU A 103 -4.90 7.36 -0.35
CA LEU A 103 -5.13 7.43 -1.79
C LEU A 103 -5.52 8.88 -2.13
N LEU A 104 -4.60 9.55 -2.79
CA LEU A 104 -4.71 10.99 -3.05
C LEU A 104 -5.51 11.37 -4.29
N LYS A 105 -5.23 10.61 -5.36
CA LYS A 105 -5.70 11.01 -6.67
C LYS A 105 -5.66 9.81 -7.61
N LEU A 106 -6.50 9.79 -8.66
CA LEU A 106 -6.42 8.80 -9.72
C LEU A 106 -6.19 9.59 -10.98
N GLU A 107 -5.22 9.10 -11.73
CA GLU A 107 -4.84 9.71 -12.99
C GLU A 107 -4.91 8.68 -14.12
C2 GPI B . 5.64 -0.54 -2.92
N6 GPI B . 7.01 -0.11 -2.40
C5 GPI B . 6.82 1.39 -2.08
C3 GPI B . 5.09 0.68 -3.66
C4 GPI B . 5.63 1.88 -2.89
C1 GPI B . 5.80 -1.69 -3.93
O1 GPI B . 5.15 -2.73 -3.78
O2 GPI B . 6.66 -1.56 -4.99
C14 GPI B . 7.33 -2.81 -5.24
C15 GPI B . 8.59 -2.55 -6.09
C16 GPI B . 9.40 -3.85 -6.21
N19 GPI B . 7.15 -5.69 -8.73
C20 GPI B . 6.99 -6.95 -8.12
C21 GPI B . 7.60 -7.20 -6.87
C22 GPI B . 8.39 -6.19 -6.26
C17 GPI B . 8.55 -4.93 -6.89
C18 GPI B . 7.93 -4.68 -8.13
C7 GPI B . 8.09 -0.84 -2.26
O7 GPI B . 8.07 -2.03 -2.56
C8 GPI B . 9.38 -0.20 -1.71
O8 GPI B . 9.48 0.03 -0.50
C9 GPI B . 10.53 0.14 -2.66
C12 GPI B . 10.14 1.37 -3.51
C13 GPI B . 10.81 -1.05 -3.58
C10 GPI B . 11.79 0.47 -1.85
C11 GPI B . 12.15 -0.72 -0.95
H2 GPI B . 5.08 -0.84 -2.04
H51 GPI B . 6.70 1.57 -0.99
H52 GPI B . 7.74 1.94 -2.39
H31 GPI B . 3.98 0.68 -3.65
H32 GPI B . 5.38 0.68 -4.72
H41 GPI B . 4.84 2.24 -2.19
H42 GPI B . 5.89 2.73 -3.56
H141 GPI B . 7.61 -3.26 -4.30
H142 GPI B . 6.66 -3.47 -5.78
H151 GPI B . 8.29 -2.22 -7.09
H152 GPI B . 9.19 -1.78 -5.63
H161 GPI B . 9.70 -4.18 -5.22
H162 GPI B . 10.30 -3.66 -6.82
H20 GPI B . 6.38 -7.71 -8.58
H21 GPI B . 7.48 -8.16 -6.39
H22 GPI B . 8.86 -6.38 -5.31
H18 GPI B . 8.05 -3.72 -8.60
H121 GPI B . 10.43 2.26 -3.01
H122 GPI B . 10.66 1.31 -4.45
H123 GPI B . 9.08 1.37 -3.68
H131 GPI B . 10.08 -1.84 -3.40
H132 GPI B . 10.73 -0.73 -4.62
H133 GPI B . 11.82 -1.43 -3.40
H101 GPI B . 11.61 1.35 -1.23
H102 GPI B . 12.62 0.68 -2.52
H111 GPI B . 11.91 -1.63 -1.44
H112 GPI B . 13.20 -0.71 -0.74
H113 GPI B . 11.61 -0.65 -0.03
#